data_6HCU
#
_entry.id   6HCU
#
_cell.length_a   73.137
_cell.length_b   95.344
_cell.length_c   166.517
_cell.angle_alpha   90.000
_cell.angle_beta   90.000
_cell.angle_gamma   90.000
#
_symmetry.space_group_name_H-M   'P 21 21 21'
#
loop_
_entity.id
_entity.type
_entity.pdbx_description
1 polymer 'Lysine--tRNA ligase'
2 non-polymer ~{N}-[[4,4-bis(fluoranyl)-1-oxidanyl-cyclohexyl]methyl]-6-fluoranyl-4-oxidanylidene-chromene-2-carboxamide
3 non-polymer LYSINE
4 non-polymer DI(HYDROXYETHYL)ETHER
5 non-polymer HISTIDINE
6 non-polymer 2-AMINO-2-HYDROXYMETHYL-PROPANE-1,3-DIOL
7 water water
#
_entity_poly.entity_id   1
_entity_poly.type   'polypeptide(L)'
_entity_poly.pdbx_seq_one_letter_code
;EVDPRLYFENRSKFIQDQKDKGINPYPHKFERTISIPEFIEKYKDLGNGEHLEDTILNITGRIMRVSASGQKLRFFDLVG
DGEKIQVLANYSFHNHEKGNFAECYDKIRRGDIVGIVGFPGKSKKGELSIFPKETILLSACLHMLPMKYGLKDTEIRYRQ
RYLDLLINESSRHTFVTRTKIINFLRNFLNERGFFEVETPMMNLIAGGANARPFITHHNDLDLDLYLRIATELPLKMLIV
GGIDKVYEIGKVFRNEGIDNTHNPEFTSCEFYWAYADYNDLIKWSEDFFSQLVYHLFGTYKISYNKDGPENQPIEIDFTP
PYPKVSIVEEIEKVTNTILEQPFDSNETIEKMINIIKEHKIELPNPPTAAKLLDQLASHFIENKYNDKPFFIVEHPQIMS
PLAKYHRTKPGLTERLEMFICGKEVLNAYTELNDPFKQKECFKLQQKDREKGDTEAAQLDSAFCTSLEYGLPPTGGLGLG
IDRITMFLTNKNSIKDVILFPTMRPAN
;
_entity_poly.pdbx_strand_id   A,B
#
# COMPACT_ATOMS: atom_id res chain seq x y z
N VAL A 2 -3.37 -30.29 32.31
CA VAL A 2 -2.04 -29.98 31.68
C VAL A 2 -1.09 -29.15 32.58
N ASP A 3 -1.49 -27.97 33.05
CA ASP A 3 -0.57 -26.94 33.62
C ASP A 3 0.48 -26.34 32.60
N PRO A 4 0.03 -25.47 31.70
CA PRO A 4 0.98 -24.75 30.79
C PRO A 4 2.12 -24.02 31.50
N ARG A 5 1.84 -23.45 32.69
CA ARG A 5 2.87 -22.67 33.37
C ARG A 5 4.08 -23.48 33.72
N LEU A 6 3.84 -24.73 34.10
CA LEU A 6 4.89 -25.64 34.47
C LEU A 6 5.71 -26.08 33.25
N TYR A 7 4.99 -26.46 32.22
CA TYR A 7 5.60 -26.76 30.89
C TYR A 7 6.64 -25.68 30.47
N PHE A 8 6.21 -24.46 30.54
CA PHE A 8 7.03 -23.31 30.18
C PHE A 8 8.24 -23.11 31.11
N GLU A 9 8.00 -23.25 32.40
CA GLU A 9 9.11 -23.15 33.35
C GLU A 9 10.13 -24.20 33.08
N ASN A 10 9.68 -25.44 32.80
CA ASN A 10 10.62 -26.52 32.54
C ASN A 10 11.37 -26.40 31.21
N ARG A 11 10.67 -25.89 30.19
CA ARG A 11 11.36 -25.66 28.91
C ARG A 11 12.39 -24.59 29.05
N SER A 12 12.11 -23.57 29.88
CA SER A 12 13.15 -22.52 30.13
C SER A 12 14.37 -23.10 30.79
N LYS A 13 14.15 -24.04 31.71
CA LYS A 13 15.29 -24.76 32.32
C LYS A 13 16.10 -25.62 31.38
N PHE A 14 15.39 -26.28 30.47
CA PHE A 14 16.04 -26.98 29.37
C PHE A 14 16.97 -26.11 28.56
N ILE A 15 16.50 -24.90 28.20
CA ILE A 15 17.31 -23.98 27.44
C ILE A 15 18.67 -23.76 28.14
N GLN A 16 18.61 -23.45 29.42
CA GLN A 16 19.78 -23.17 30.23
C GLN A 16 20.71 -24.38 30.29
N ASP A 17 20.08 -25.51 30.52
CA ASP A 17 20.72 -26.85 30.39
C ASP A 17 21.48 -27.18 29.14
N GLN A 18 20.87 -26.91 27.98
CA GLN A 18 21.55 -27.07 26.76
C GLN A 18 22.75 -26.18 26.63
N LYS A 19 22.56 -24.91 27.05
CA LYS A 19 23.65 -23.98 27.01
C LYS A 19 24.86 -24.44 27.92
N ASP A 20 24.55 -25.01 29.03
CA ASP A 20 25.62 -25.65 29.92
C ASP A 20 26.48 -26.69 29.26
N LYS A 21 25.91 -27.39 28.25
CA LYS A 21 26.60 -28.46 27.48
C LYS A 21 27.29 -27.95 26.22
N GLY A 22 27.26 -26.65 26.04
CA GLY A 22 27.89 -26.02 24.95
C GLY A 22 27.05 -26.11 23.68
N ILE A 23 25.75 -26.40 23.85
CA ILE A 23 24.76 -26.34 22.73
C ILE A 23 23.95 -25.00 22.75
N ASN A 24 24.02 -24.21 21.66
CA ASN A 24 23.23 -22.98 21.56
C ASN A 24 21.88 -23.38 20.94
N PRO A 25 20.82 -23.32 21.71
CA PRO A 25 19.52 -23.72 21.16
C PRO A 25 18.92 -22.64 20.27
N TYR A 26 19.60 -21.48 20.18
CA TYR A 26 19.29 -20.42 19.21
C TYR A 26 20.49 -20.05 18.39
N PRO A 27 20.92 -20.93 17.49
CA PRO A 27 22.16 -20.72 16.79
C PRO A 27 22.08 -19.69 15.69
N HIS A 28 23.23 -19.21 15.25
CA HIS A 28 23.24 -18.10 14.31
C HIS A 28 22.62 -18.22 12.97
N LYS A 29 23.06 -19.26 12.28
CA LYS A 29 22.77 -19.44 10.88
C LYS A 29 22.83 -20.97 10.55
N PHE A 30 21.77 -21.44 9.93
CA PHE A 30 21.80 -22.82 9.38
C PHE A 30 21.57 -22.61 7.95
N GLU A 31 22.44 -23.14 7.07
CA GLU A 31 22.30 -22.94 5.69
C GLU A 31 21.46 -24.02 5.05
N ARG A 32 20.28 -23.64 4.63
CA ARG A 32 19.32 -24.54 4.08
C ARG A 32 19.56 -24.72 2.60
N THR A 33 19.27 -25.85 2.05
CA THR A 33 19.42 -25.98 0.61
C THR A 33 18.13 -26.02 -0.21
N ILE A 34 17.00 -26.30 0.43
CA ILE A 34 15.72 -26.45 -0.23
C ILE A 34 14.62 -26.15 0.78
N SER A 35 13.49 -25.62 0.27
CA SER A 35 12.32 -25.33 1.10
C SER A 35 11.43 -26.56 1.12
N ILE A 36 10.49 -26.60 2.05
CA ILE A 36 9.59 -27.77 2.09
C ILE A 36 8.73 -27.87 0.80
N PRO A 37 8.14 -26.77 0.29
CA PRO A 37 7.39 -26.84 -0.99
C PRO A 37 8.29 -27.26 -2.11
N GLU A 38 9.54 -26.83 -2.12
CA GLU A 38 10.41 -27.21 -3.21
C GLU A 38 10.70 -28.72 -3.10
N PHE A 39 10.92 -29.17 -1.87
CA PHE A 39 11.24 -30.61 -1.64
C PHE A 39 10.05 -31.50 -2.13
N ILE A 40 8.83 -31.07 -1.79
CA ILE A 40 7.63 -31.82 -2.22
C ILE A 40 7.50 -31.82 -3.74
N GLU A 41 7.75 -30.68 -4.35
CA GLU A 41 7.67 -30.67 -5.80
C GLU A 41 8.75 -31.54 -6.42
N LYS A 42 9.95 -31.57 -5.86
CA LYS A 42 11.07 -32.26 -6.52
C LYS A 42 10.96 -33.81 -6.30
N TYR A 43 10.46 -34.23 -5.18
CA TYR A 43 10.48 -35.66 -4.81
C TYR A 43 9.14 -36.39 -4.83
N LYS A 44 8.04 -35.73 -5.23
CA LYS A 44 6.73 -36.30 -5.04
C LYS A 44 6.54 -37.52 -5.93
N ASP A 45 7.35 -37.70 -6.98
CA ASP A 45 7.22 -38.88 -7.86
C ASP A 45 8.09 -40.06 -7.46
N LEU A 46 8.77 -40.00 -6.29
CA LEU A 46 9.48 -41.19 -5.82
C LEU A 46 8.50 -42.33 -5.67
N GLY A 47 9.01 -43.56 -5.78
CA GLY A 47 8.15 -44.71 -5.48
C GLY A 47 8.10 -44.98 -4.00
N ASN A 48 7.11 -45.75 -3.62
CA ASN A 48 7.02 -46.20 -2.25
C ASN A 48 8.27 -46.89 -1.75
N GLY A 49 8.80 -46.47 -0.57
CA GLY A 49 10.00 -47.06 -0.02
C GLY A 49 11.28 -46.66 -0.64
N GLU A 50 11.28 -45.82 -1.67
CA GLU A 50 12.48 -45.42 -2.40
C GLU A 50 13.27 -44.33 -1.61
N HIS A 51 14.57 -44.53 -1.50
CA HIS A 51 15.49 -43.66 -0.71
C HIS A 51 16.48 -43.13 -1.70
N LEU A 52 16.86 -41.84 -1.62
CA LEU A 52 17.94 -41.32 -2.39
C LEU A 52 19.10 -41.04 -1.45
N GLU A 53 19.73 -42.11 -0.93
CA GLU A 53 20.67 -42.03 0.19
C GLU A 53 21.90 -41.18 -0.17
N ASP A 54 22.24 -41.04 -1.45
CA ASP A 54 23.37 -40.20 -1.85
C ASP A 54 23.04 -38.74 -2.02
N THR A 55 21.78 -38.33 -1.85
CA THR A 55 21.39 -36.89 -2.00
C THR A 55 21.33 -36.32 -0.60
N ILE A 56 22.23 -35.39 -0.28
CA ILE A 56 22.25 -34.89 1.12
C ILE A 56 21.79 -33.45 1.04
N LEU A 57 20.74 -33.16 1.80
CA LEU A 57 20.04 -31.90 1.78
C LEU A 57 19.98 -31.36 3.17
N ASN A 58 19.96 -30.04 3.24
CA ASN A 58 19.66 -29.34 4.47
C ASN A 58 18.29 -28.65 4.41
N ILE A 59 17.48 -28.96 5.37
CA ILE A 59 16.06 -28.45 5.36
C ILE A 59 15.69 -27.95 6.72
N THR A 60 14.71 -27.08 6.81
CA THR A 60 14.23 -26.58 8.04
C THR A 60 12.76 -26.57 8.08
N GLY A 61 12.25 -26.42 9.27
CA GLY A 61 10.83 -26.38 9.50
C GLY A 61 10.41 -26.43 10.92
N ARG A 62 9.12 -26.36 11.16
CA ARG A 62 8.60 -26.46 12.48
C ARG A 62 8.01 -27.89 12.70
N ILE A 63 8.45 -28.48 13.80
CA ILE A 63 7.86 -29.79 14.23
C ILE A 63 6.47 -29.58 14.74
N MET A 64 5.51 -30.30 14.18
CA MET A 64 4.13 -30.20 14.58
C MET A 64 3.51 -31.49 15.09
N ARG A 65 4.25 -32.57 15.03
CA ARG A 65 3.87 -33.83 15.68
C ARG A 65 5.08 -34.62 16.04
N VAL A 66 5.04 -35.30 17.17
CA VAL A 66 6.11 -36.14 17.60
C VAL A 66 5.53 -37.54 17.96
N SER A 67 6.24 -38.58 17.53
CA SER A 67 6.01 -40.01 17.91
C SER A 67 7.23 -40.93 17.69
N ALA A 68 7.13 -42.16 18.22
CA ALA A 68 8.26 -43.07 18.25
C ALA A 68 7.83 -44.53 18.19
N SER A 69 7.66 -45.13 19.36
CA SER A 69 7.88 -46.56 19.60
C SER A 69 9.07 -47.16 18.81
N GLY A 70 9.99 -47.72 19.57
CA GLY A 70 11.35 -47.82 19.19
C GLY A 70 12.02 -46.60 19.80
N GLN A 71 12.86 -46.85 20.78
CA GLN A 71 13.91 -45.91 21.12
C GLN A 71 14.73 -45.54 19.88
N LYS A 72 14.75 -46.43 18.85
CA LYS A 72 15.64 -46.29 17.69
C LYS A 72 14.95 -45.88 16.35
N LEU A 73 13.65 -45.56 16.42
CA LEU A 73 12.87 -45.12 15.22
C LEU A 73 11.86 -44.05 15.68
N ARG A 74 12.10 -42.81 15.21
CA ARG A 74 11.36 -41.63 15.69
C ARG A 74 10.75 -40.95 14.44
N PHE A 75 9.50 -40.46 14.59
CA PHE A 75 8.75 -39.89 13.43
C PHE A 75 8.20 -38.54 13.88
N PHE A 76 8.27 -37.54 12.99
CA PHE A 76 7.71 -36.21 13.24
C PHE A 76 7.01 -35.69 11.99
N ASP A 77 6.06 -34.79 12.18
CA ASP A 77 5.55 -33.91 11.10
C ASP A 77 6.38 -32.59 11.07
N LEU A 78 6.85 -32.19 9.91
CA LEU A 78 7.69 -30.96 9.73
C LEU A 78 6.94 -30.05 8.76
N VAL A 79 6.65 -28.82 9.18
CA VAL A 79 5.89 -27.94 8.31
CA VAL A 79 5.85 -27.91 8.38
C VAL A 79 6.71 -26.72 7.91
N GLY A 80 6.48 -26.25 6.72
CA GLY A 80 7.10 -25.02 6.26
C GLY A 80 6.33 -24.47 5.07
N ASP A 81 6.12 -23.11 5.06
CA ASP A 81 5.40 -22.51 3.96
C ASP A 81 4.02 -23.14 3.70
N GLY A 82 3.36 -23.52 4.78
CA GLY A 82 2.01 -24.11 4.72
C GLY A 82 1.94 -25.55 4.18
N GLU A 83 3.10 -26.18 4.05
CA GLU A 83 3.17 -27.50 3.48
C GLU A 83 3.90 -28.40 4.49
N LYS A 84 3.81 -29.72 4.28
CA LYS A 84 4.24 -30.61 5.32
C LYS A 84 4.87 -31.87 4.76
N ILE A 85 5.92 -32.33 5.41
CA ILE A 85 6.60 -33.64 5.12
C ILE A 85 6.76 -34.38 6.42
N GLN A 86 7.11 -35.68 6.31
CA GLN A 86 7.48 -36.44 7.50
CA GLN A 86 7.51 -36.46 7.48
C GLN A 86 9.01 -36.42 7.69
N VAL A 87 9.42 -36.55 8.97
CA VAL A 87 10.81 -36.80 9.37
C VAL A 87 10.84 -38.24 9.92
N LEU A 88 11.65 -39.07 9.26
CA LEU A 88 11.91 -40.46 9.70
C LEU A 88 13.34 -40.59 10.20
N ALA A 89 13.50 -40.53 11.52
CA ALA A 89 14.82 -40.60 12.16
C ALA A 89 15.11 -42.09 12.48
N ASN A 90 16.01 -42.66 11.74
CA ASN A 90 16.32 -44.12 11.97
C ASN A 90 17.72 -44.15 12.57
N TYR A 91 17.86 -44.88 13.67
CA TYR A 91 19.16 -45.08 14.34
C TYR A 91 20.32 -45.32 13.41
N SER A 92 20.14 -46.16 12.37
CA SER A 92 21.18 -46.51 11.44
C SER A 92 21.63 -45.46 10.52
N PHE A 93 20.77 -44.45 10.30
CA PHE A 93 21.16 -43.35 9.41
C PHE A 93 21.75 -42.13 10.14
N HIS A 94 21.63 -42.12 11.44
CA HIS A 94 22.24 -41.09 12.28
C HIS A 94 23.76 -41.04 12.23
N ASN A 95 24.29 -39.83 12.22
CA ASN A 95 25.73 -39.61 12.35
C ASN A 95 26.02 -39.70 13.86
N HIS A 96 26.50 -40.88 14.29
CA HIS A 96 26.70 -41.08 15.77
C HIS A 96 27.92 -40.29 16.33
N GLU A 97 28.79 -39.82 15.47
CA GLU A 97 29.93 -39.00 15.90
C GLU A 97 29.48 -37.61 16.33
N LYS A 98 28.35 -37.15 15.85
CA LYS A 98 27.87 -35.79 16.24
C LYS A 98 27.01 -35.81 17.48
N GLY A 99 26.75 -36.97 18.04
CA GLY A 99 25.92 -37.09 19.25
C GLY A 99 25.17 -38.40 19.42
N ASN A 100 24.76 -38.65 20.66
CA ASN A 100 23.88 -39.75 20.98
C ASN A 100 22.46 -39.59 20.36
N PHE A 101 21.93 -40.68 19.78
CA PHE A 101 20.74 -40.62 18.94
C PHE A 101 19.59 -40.34 19.81
N ALA A 102 19.44 -41.14 20.85
CA ALA A 102 18.32 -40.99 21.71
C ALA A 102 18.32 -39.63 22.39
N GLU A 103 19.52 -39.13 22.73
CA GLU A 103 19.61 -37.85 23.42
C GLU A 103 19.16 -36.73 22.49
N CYS A 104 19.62 -36.79 21.25
CA CYS A 104 19.27 -35.80 20.25
CA CYS A 104 19.24 -35.80 20.20
C CYS A 104 17.74 -35.76 20.06
N TYR A 105 17.10 -36.92 19.90
CA TYR A 105 15.69 -36.96 19.57
C TYR A 105 14.73 -36.92 20.67
N ASP A 106 15.12 -37.36 21.87
CA ASP A 106 14.24 -37.26 23.01
C ASP A 106 13.86 -35.77 23.42
N LYS A 107 14.75 -34.85 23.12
CA LYS A 107 14.57 -33.46 23.59
C LYS A 107 13.59 -32.69 22.66
N ILE A 108 13.31 -33.19 21.46
CA ILE A 108 12.43 -32.45 20.50
C ILE A 108 11.00 -32.41 20.97
N ARG A 109 10.38 -31.22 20.96
CA ARG A 109 8.97 -31.04 21.32
C ARG A 109 8.19 -30.36 20.18
N ARG A 110 6.91 -30.56 20.22
CA ARG A 110 5.99 -29.96 19.27
C ARG A 110 6.15 -28.47 19.37
N GLY A 111 6.25 -27.81 18.22
CA GLY A 111 6.56 -26.39 18.16
C GLY A 111 8.02 -26.03 17.87
N ASP A 112 8.98 -26.93 18.13
CA ASP A 112 10.35 -26.62 17.90
C ASP A 112 10.66 -26.39 16.40
N ILE A 113 11.45 -25.36 16.10
CA ILE A 113 12.00 -25.17 14.78
C ILE A 113 13.33 -25.86 14.73
N VAL A 114 13.53 -26.76 13.73
CA VAL A 114 14.74 -27.51 13.53
C VAL A 114 15.37 -27.38 12.16
N GLY A 115 16.66 -27.70 12.10
CA GLY A 115 17.49 -27.73 10.98
C GLY A 115 17.88 -29.20 10.84
N ILE A 116 17.67 -29.74 9.63
CA ILE A 116 17.94 -31.19 9.38
C ILE A 116 18.93 -31.30 8.24
N VAL A 117 19.94 -32.19 8.40
CA VAL A 117 20.78 -32.65 7.35
C VAL A 117 20.37 -34.10 7.11
N GLY A 118 20.00 -34.38 5.89
CA GLY A 118 19.46 -35.75 5.60
C GLY A 118 19.21 -36.00 4.19
N PHE A 119 18.61 -37.20 3.91
CA PHE A 119 18.31 -37.54 2.54
C PHE A 119 16.81 -37.71 2.25
N PRO A 120 16.38 -37.52 0.98
CA PRO A 120 14.97 -37.60 0.71
C PRO A 120 14.55 -39.10 0.37
N GLY A 121 13.34 -39.43 0.65
CA GLY A 121 12.77 -40.75 0.31
C GLY A 121 11.33 -40.80 0.63
N LYS A 122 10.68 -41.93 0.34
CA LYS A 122 9.36 -42.11 0.76
C LYS A 122 9.28 -43.28 1.71
N SER A 123 8.39 -43.23 2.67
CA SER A 123 8.15 -44.34 3.55
C SER A 123 7.52 -45.46 2.69
N LYS A 124 7.51 -46.66 3.25
CA LYS A 124 6.85 -47.82 2.53
C LYS A 124 5.39 -47.51 2.27
N LYS A 125 4.78 -46.71 3.13
CA LYS A 125 3.41 -46.20 2.86
C LYS A 125 3.22 -45.11 1.78
N GLY A 126 4.29 -44.59 1.27
CA GLY A 126 4.21 -43.57 0.29
C GLY A 126 4.32 -42.15 0.84
N GLU A 127 4.72 -41.98 2.11
CA GLU A 127 4.78 -40.57 2.63
C GLU A 127 6.16 -39.99 2.37
N LEU A 128 6.15 -38.87 1.73
CA LEU A 128 7.37 -38.17 1.39
C LEU A 128 8.03 -37.75 2.69
N SER A 129 9.33 -38.02 2.83
CA SER A 129 10.01 -37.89 4.12
C SER A 129 11.43 -37.40 3.93
N ILE A 130 11.96 -36.74 4.96
CA ILE A 130 13.38 -36.53 5.10
C ILE A 130 13.88 -37.50 6.15
N PHE A 131 15.02 -38.10 5.83
CA PHE A 131 15.72 -39.09 6.68
C PHE A 131 16.96 -38.45 7.25
N PRO A 132 16.86 -37.94 8.50
CA PRO A 132 18.05 -37.17 8.99
C PRO A 132 19.28 -38.03 9.34
N LYS A 133 20.45 -37.46 9.13
CA LYS A 133 21.71 -37.84 9.75
C LYS A 133 21.96 -36.96 11.00
N GLU A 134 21.37 -35.76 11.03
CA GLU A 134 21.63 -34.85 12.14
C GLU A 134 20.45 -33.85 12.18
N THR A 135 19.93 -33.63 13.35
CA THR A 135 18.87 -32.64 13.61
C THR A 135 19.29 -31.71 14.72
N ILE A 136 19.17 -30.40 14.48
CA ILE A 136 19.54 -29.41 15.51
C ILE A 136 18.35 -28.52 15.77
N LEU A 137 18.20 -28.06 17.01
CA LEU A 137 17.23 -27.08 17.34
C LEU A 137 17.75 -25.75 16.82
N LEU A 138 16.85 -25.03 16.10
CA LEU A 138 17.07 -23.66 15.69
C LEU A 138 16.36 -22.63 16.52
N SER A 139 15.18 -22.97 17.04
CA SER A 139 14.49 -22.15 17.94
C SER A 139 13.46 -22.94 18.70
N ALA A 140 13.40 -22.83 20.01
CA ALA A 140 12.43 -23.59 20.74
C ALA A 140 11.07 -22.98 20.86
N CYS A 141 10.04 -23.83 20.94
CA CYS A 141 8.77 -23.42 21.36
C CYS A 141 8.63 -23.68 22.88
N LEU A 142 8.62 -22.64 23.71
CA LEU A 142 8.62 -22.86 25.18
C LEU A 142 7.28 -23.11 25.75
N HIS A 143 6.21 -22.72 25.04
CA HIS A 143 4.81 -22.97 25.41
C HIS A 143 4.23 -24.23 24.83
N MET A 144 3.19 -24.72 25.45
CA MET A 144 2.34 -25.75 24.86
C MET A 144 1.46 -25.09 23.78
N LEU A 145 1.61 -25.53 22.57
CA LEU A 145 0.74 -25.04 21.52
C LEU A 145 -0.62 -25.65 21.66
N PRO A 146 -1.65 -24.95 21.21
CA PRO A 146 -2.91 -25.61 21.20
C PRO A 146 -2.94 -26.82 20.27
N MET A 147 -3.85 -27.74 20.54
CA MET A 147 -3.99 -28.91 19.69
C MET A 147 -4.71 -28.51 18.42
N LYS A 148 -4.51 -29.29 17.36
CA LYS A 148 -5.25 -29.09 16.08
C LYS A 148 -6.75 -29.13 16.40
N TYR A 149 -7.57 -28.29 15.80
CA TYR A 149 -9.01 -28.19 16.19
C TYR A 149 -9.21 -27.72 17.65
N GLY A 150 -8.17 -27.30 18.38
CA GLY A 150 -8.33 -26.78 19.77
C GLY A 150 -8.13 -25.28 19.93
N LEU A 151 -8.25 -24.54 18.83
CA LEU A 151 -8.09 -23.06 18.89
C LEU A 151 -9.24 -22.44 18.13
N LYS A 152 -10.28 -22.20 18.92
CA LYS A 152 -11.50 -21.59 18.44
C LYS A 152 -11.69 -20.19 18.98
N ASP A 153 -11.12 -19.87 20.17
CA ASP A 153 -11.31 -18.59 20.86
C ASP A 153 -10.82 -17.42 19.97
N THR A 154 -11.76 -16.61 19.49
CA THR A 154 -11.42 -15.46 18.69
C THR A 154 -10.59 -14.45 19.46
N GLU A 155 -10.64 -14.44 20.79
CA GLU A 155 -9.82 -13.49 21.52
C GLU A 155 -8.36 -13.85 21.30
N ILE A 156 -8.02 -15.13 21.11
CA ILE A 156 -6.59 -15.49 20.93
C ILE A 156 -6.26 -15.43 19.42
N ARG A 157 -7.13 -15.95 18.57
CA ARG A 157 -6.90 -16.01 17.14
C ARG A 157 -6.69 -14.58 16.54
N TYR A 158 -7.42 -13.55 17.07
CA TYR A 158 -7.35 -12.17 16.51
C TYR A 158 -6.31 -11.33 17.07
N ARG A 159 -5.77 -11.71 18.22
CA ARG A 159 -4.65 -11.01 18.83
C ARG A 159 -3.33 -11.69 18.55
N GLN A 160 -3.23 -12.98 18.89
CA GLN A 160 -2.08 -13.81 18.60
C GLN A 160 -2.28 -14.54 17.29
N ARG A 161 -2.30 -13.75 16.20
CA ARG A 161 -2.64 -14.28 14.89
C ARG A 161 -1.66 -15.42 14.44
N TYR A 162 -0.45 -15.34 14.93
CA TYR A 162 0.58 -16.36 14.67
C TYR A 162 0.11 -17.80 15.13
N LEU A 163 -0.57 -17.85 16.28
CA LEU A 163 -1.12 -19.16 16.71
C LEU A 163 -2.20 -19.63 15.78
N ASP A 164 -3.08 -18.73 15.38
CA ASP A 164 -4.07 -19.08 14.33
C ASP A 164 -3.48 -19.58 13.05
N LEU A 165 -2.39 -18.94 12.57
CA LEU A 165 -1.73 -19.39 11.38
C LEU A 165 -1.05 -20.75 11.52
N LEU A 166 -0.52 -21.03 12.67
CA LEU A 166 0.16 -22.31 12.87
C LEU A 166 -0.83 -23.46 13.02
N ILE A 167 -1.96 -23.22 13.68
CA ILE A 167 -2.89 -24.37 14.10
C ILE A 167 -4.09 -24.58 13.16
N ASN A 168 -4.63 -23.49 12.60
CA ASN A 168 -5.82 -23.50 11.73
C ASN A 168 -5.39 -23.36 10.27
N GLU A 169 -5.38 -24.46 9.51
CA GLU A 169 -4.91 -24.43 8.11
C GLU A 169 -5.65 -23.53 7.19
N SER A 170 -6.95 -23.37 7.40
CA SER A 170 -7.69 -22.53 6.53
C SER A 170 -7.30 -21.04 6.74
N SER A 171 -6.70 -20.70 7.89
CA SER A 171 -6.37 -19.28 8.15
C SER A 171 -5.32 -18.81 7.15
N ARG A 172 -4.23 -19.54 6.97
CA ARG A 172 -3.25 -19.14 6.01
C ARG A 172 -3.88 -19.01 4.60
N HIS A 173 -4.71 -19.99 4.17
CA HIS A 173 -5.37 -19.94 2.87
C HIS A 173 -6.15 -18.64 2.71
N THR A 174 -6.86 -18.23 3.74
CA THR A 174 -7.65 -16.99 3.70
C THR A 174 -6.76 -15.77 3.36
N PHE A 175 -5.61 -15.73 4.05
CA PHE A 175 -4.72 -14.53 3.87
C PHE A 175 -3.97 -14.61 2.58
N VAL A 176 -3.69 -15.83 2.10
CA VAL A 176 -3.14 -15.99 0.77
C VAL A 176 -4.11 -15.45 -0.30
N THR A 177 -5.39 -15.84 -0.17
CA THR A 177 -6.44 -15.42 -1.13
C THR A 177 -6.54 -13.86 -1.11
N ARG A 178 -6.48 -13.29 0.09
CA ARG A 178 -6.56 -11.81 0.16
C ARG A 178 -5.45 -11.14 -0.68
N THR A 179 -4.19 -11.59 -0.47
CA THR A 179 -3.13 -11.04 -1.27
C THR A 179 -3.25 -11.31 -2.79
N LYS A 180 -3.75 -12.49 -3.20
CA LYS A 180 -4.01 -12.74 -4.60
C LYS A 180 -5.10 -11.84 -5.12
N ILE A 181 -6.10 -11.47 -4.31
CA ILE A 181 -7.15 -10.53 -4.79
C ILE A 181 -6.53 -9.14 -5.10
N ILE A 182 -5.79 -8.63 -4.14
CA ILE A 182 -5.10 -7.33 -4.28
C ILE A 182 -4.16 -7.36 -5.45
N ASN A 183 -3.39 -8.45 -5.63
CA ASN A 183 -2.43 -8.55 -6.78
C ASN A 183 -3.24 -8.51 -8.06
N PHE A 184 -4.33 -9.28 -8.10
CA PHE A 184 -5.21 -9.28 -9.32
C PHE A 184 -5.70 -7.89 -9.71
N LEU A 185 -6.21 -7.18 -8.70
CA LEU A 185 -6.67 -5.79 -8.89
C LEU A 185 -5.66 -4.87 -9.34
N ARG A 186 -4.49 -4.89 -8.70
CA ARG A 186 -3.41 -4.00 -9.09
C ARG A 186 -3.04 -4.27 -10.55
N ASN A 187 -2.92 -5.54 -10.92
CA ASN A 187 -2.59 -5.90 -12.31
CA ASN A 187 -2.57 -5.87 -12.32
C ASN A 187 -3.70 -5.49 -13.32
N PHE A 188 -4.92 -5.64 -12.91
CA PHE A 188 -6.10 -5.32 -13.71
C PHE A 188 -6.13 -3.87 -14.06
N LEU A 189 -5.91 -3.02 -13.04
CA LEU A 189 -5.77 -1.62 -13.24
C LEU A 189 -4.54 -1.24 -14.05
N ASN A 190 -3.37 -1.81 -13.72
CA ASN A 190 -2.16 -1.42 -14.39
C ASN A 190 -2.23 -1.82 -15.86
N GLU A 191 -2.85 -2.91 -16.19
CA GLU A 191 -2.93 -3.29 -17.64
C GLU A 191 -3.84 -2.39 -18.38
N ARG A 192 -4.77 -1.72 -17.69
CA ARG A 192 -5.60 -0.69 -18.29
C ARG A 192 -5.09 0.77 -18.33
N GLY A 193 -3.85 0.98 -17.88
CA GLY A 193 -3.11 2.20 -18.02
C GLY A 193 -3.26 3.07 -16.79
N PHE A 194 -3.78 2.50 -15.72
CA PHE A 194 -3.94 3.27 -14.41
C PHE A 194 -2.61 3.43 -13.70
N PHE A 195 -2.46 4.53 -12.98
CA PHE A 195 -1.25 4.98 -12.38
C PHE A 195 -1.47 5.03 -10.86
N GLU A 196 -0.77 4.20 -10.11
CA GLU A 196 -0.95 4.12 -8.66
C GLU A 196 -0.24 5.20 -7.92
N VAL A 197 -0.85 5.85 -6.95
CA VAL A 197 -0.21 6.91 -6.15
C VAL A 197 -0.42 6.68 -4.68
N GLU A 198 0.29 7.45 -3.87
CA GLU A 198 0.03 7.59 -2.43
C GLU A 198 -0.38 9.04 -2.13
N THR A 199 -1.50 9.14 -1.44
CA THR A 199 -1.99 10.43 -0.90
C THR A 199 -1.94 10.43 0.62
N PRO A 200 -2.08 11.64 1.23
CA PRO A 200 -1.83 11.71 2.68
C PRO A 200 -2.84 10.95 3.53
N MET A 201 -2.35 10.40 4.61
CA MET A 201 -3.24 9.67 5.49
CA MET A 201 -3.14 9.66 5.55
C MET A 201 -3.93 10.60 6.49
N MET A 202 -3.46 11.82 6.61
CA MET A 202 -4.10 12.80 7.52
C MET A 202 -4.23 14.14 6.84
N ASN A 203 -5.34 14.81 7.17
CA ASN A 203 -5.81 16.00 6.42
CA ASN A 203 -5.69 16.03 6.44
C ASN A 203 -6.28 17.03 7.40
N LEU A 204 -6.42 18.26 6.90
CA LEU A 204 -6.64 19.44 7.76
C LEU A 204 -8.06 19.56 8.09
N ILE A 205 -8.86 19.39 7.09
CA ILE A 205 -10.22 19.71 7.25
C ILE A 205 -10.69 18.32 7.14
N ALA A 206 -11.74 18.03 7.89
CA ALA A 206 -12.40 16.79 7.72
C ALA A 206 -13.52 16.76 8.70
N ALA A 211 -19.16 10.29 7.51
CA ALA A 211 -18.22 9.51 8.33
C ALA A 211 -17.47 10.35 9.37
N ARG A 212 -17.64 9.98 10.63
CA ARG A 212 -16.98 10.55 11.82
C ARG A 212 -15.46 10.23 11.75
N PRO A 213 -14.59 11.24 11.88
CA PRO A 213 -13.17 11.03 11.68
C PRO A 213 -12.47 10.70 13.02
N PHE A 214 -11.35 10.01 12.90
CA PHE A 214 -10.34 9.98 13.95
C PHE A 214 -9.57 11.29 13.90
N ILE A 215 -9.26 11.82 15.12
CA ILE A 215 -8.47 13.05 15.20
C ILE A 215 -7.13 12.79 15.86
N THR A 216 -6.05 13.50 15.43
CA THR A 216 -4.72 13.31 15.97
C THR A 216 -4.00 14.61 15.98
N HIS A 217 -3.13 14.77 16.95
CA HIS A 217 -2.37 16.04 17.10
C HIS A 217 -1.06 15.90 16.45
N HIS A 218 -0.68 16.88 15.65
CA HIS A 218 0.56 16.91 14.95
C HIS A 218 1.49 17.87 15.69
N ASN A 219 2.59 17.33 16.18
CA ASN A 219 3.45 18.02 17.09
C ASN A 219 4.21 19.13 16.45
N ASP A 220 4.75 18.91 15.25
CA ASP A 220 5.55 19.94 14.54
C ASP A 220 4.69 21.09 14.10
N LEU A 221 3.44 20.85 13.71
CA LEU A 221 2.62 21.95 13.18
C LEU A 221 1.67 22.60 14.23
N ASP A 222 1.56 22.03 15.42
CA ASP A 222 0.60 22.39 16.44
C ASP A 222 -0.80 22.43 15.91
N LEU A 223 -1.21 21.36 15.24
CA LEU A 223 -2.51 21.21 14.60
C LEU A 223 -3.12 19.93 14.96
N ASP A 224 -4.43 19.89 15.00
CA ASP A 224 -5.17 18.71 15.18
C ASP A 224 -5.73 18.33 13.82
N LEU A 225 -5.30 17.17 13.34
CA LEU A 225 -5.58 16.79 11.96
C LEU A 225 -6.53 15.61 12.00
N TYR A 226 -7.11 15.25 10.87
CA TYR A 226 -8.04 14.17 10.83
C TYR A 226 -7.44 13.02 9.96
N LEU A 227 -7.57 11.79 10.42
CA LEU A 227 -7.24 10.63 9.54
C LEU A 227 -8.21 10.61 8.38
N ARG A 228 -7.70 10.25 7.20
CA ARG A 228 -8.52 10.24 6.02
C ARG A 228 -9.67 9.23 6.13
N ILE A 229 -10.84 9.63 5.66
CA ILE A 229 -11.95 8.74 5.57
C ILE A 229 -12.08 8.11 4.16
N ALA A 230 -11.40 8.66 3.20
CA ALA A 230 -11.41 8.29 1.81
C ALA A 230 -10.23 8.92 1.09
N THR A 231 -9.84 8.43 -0.09
CA THR A 231 -8.79 9.02 -0.86
C THR A 231 -9.30 9.87 -2.04
N GLU A 232 -10.61 10.02 -2.14
CA GLU A 232 -11.21 10.64 -3.20
C GLU A 232 -10.68 12.05 -3.57
N LEU A 233 -10.58 12.93 -2.59
CA LEU A 233 -10.26 14.34 -2.97
C LEU A 233 -8.91 14.53 -3.62
N PRO A 234 -7.83 14.00 -2.97
CA PRO A 234 -6.60 14.22 -3.66
C PRO A 234 -6.48 13.49 -4.99
N LEU A 235 -7.17 12.34 -5.13
CA LEU A 235 -7.17 11.62 -6.48
C LEU A 235 -7.77 12.51 -7.52
N LYS A 236 -8.86 13.16 -7.18
CA LYS A 236 -9.51 14.05 -8.20
C LYS A 236 -8.61 15.21 -8.51
N MET A 237 -7.87 15.73 -7.54
CA MET A 237 -6.92 16.80 -7.83
CA MET A 237 -6.91 16.79 -7.83
C MET A 237 -5.84 16.31 -8.78
N LEU A 238 -5.47 15.02 -8.70
CA LEU A 238 -4.53 14.47 -9.69
C LEU A 238 -5.11 14.38 -11.10
N ILE A 239 -6.38 14.14 -11.23
CA ILE A 239 -7.08 14.17 -12.54
C ILE A 239 -6.95 15.60 -13.12
N VAL A 240 -7.24 16.60 -12.25
CA VAL A 240 -7.03 18.00 -12.68
C VAL A 240 -5.60 18.24 -13.18
N GLY A 241 -4.63 17.63 -12.47
CA GLY A 241 -3.24 17.69 -12.81
C GLY A 241 -2.79 16.91 -14.04
N GLY A 242 -3.73 16.22 -14.66
CA GLY A 242 -3.49 15.51 -15.87
C GLY A 242 -3.06 14.02 -15.76
N ILE A 243 -3.18 13.45 -14.56
CA ILE A 243 -3.01 11.98 -14.39
C ILE A 243 -4.37 11.44 -14.65
N ASP A 244 -4.63 11.03 -15.90
CA ASP A 244 -5.99 10.81 -16.29
C ASP A 244 -6.61 9.48 -15.86
N LYS A 245 -5.79 8.52 -15.45
CA LYS A 245 -6.24 7.29 -14.86
CA LYS A 245 -6.25 7.29 -14.86
C LYS A 245 -5.39 7.06 -13.62
N VAL A 246 -5.98 7.21 -12.48
CA VAL A 246 -5.23 7.27 -11.21
C VAL A 246 -5.92 6.43 -10.14
N TYR A 247 -5.15 5.83 -9.23
CA TYR A 247 -5.77 5.08 -8.15
C TYR A 247 -4.88 4.96 -6.95
N GLU A 248 -5.49 4.52 -5.84
CA GLU A 248 -4.75 4.19 -4.62
C GLU A 248 -5.37 3.01 -4.00
N ILE A 249 -4.53 2.11 -3.45
CA ILE A 249 -4.98 1.00 -2.64
C ILE A 249 -4.39 1.17 -1.29
N GLY A 250 -5.23 1.45 -0.31
CA GLY A 250 -4.65 1.65 1.02
C GLY A 250 -5.76 1.79 2.09
N LYS A 251 -5.28 2.11 3.28
CA LYS A 251 -6.14 2.12 4.42
C LYS A 251 -6.88 3.46 4.53
N VAL A 252 -8.10 3.37 4.92
CA VAL A 252 -8.90 4.55 5.30
C VAL A 252 -9.48 4.21 6.71
N PHE A 253 -9.96 5.29 7.40
CA PHE A 253 -10.18 5.23 8.87
C PHE A 253 -11.55 5.83 9.15
N ARG A 254 -12.33 5.11 9.95
CA ARG A 254 -13.69 5.58 10.23
C ARG A 254 -13.89 5.39 11.73
N ASN A 255 -14.14 6.50 12.39
CA ASN A 255 -14.26 6.47 13.88
C ASN A 255 -15.74 6.23 14.22
N GLU A 256 -16.19 5.01 13.99
CA GLU A 256 -17.62 4.63 13.93
C GLU A 256 -17.85 3.35 14.66
N GLY A 257 -18.74 2.48 14.20
CA GLY A 257 -18.98 1.25 14.88
C GLY A 257 -18.14 0.11 14.40
N ILE A 258 -18.18 -0.97 15.15
CA ILE A 258 -17.50 -2.24 14.85
C ILE A 258 -18.49 -3.35 14.81
N ASP A 259 -18.46 -4.19 13.79
CA ASP A 259 -19.33 -5.34 13.71
C ASP A 259 -18.78 -6.32 12.68
N ASN A 260 -19.56 -7.29 12.21
CA ASN A 260 -19.06 -8.32 11.28
C ASN A 260 -18.65 -7.72 9.94
N THR A 261 -19.05 -6.49 9.57
CA THR A 261 -18.65 -5.88 8.26
C THR A 261 -18.05 -4.53 8.39
N HIS A 262 -17.61 -4.16 9.61
CA HIS A 262 -16.98 -2.86 9.84
C HIS A 262 -15.82 -3.02 10.82
N ASN A 263 -14.63 -2.56 10.39
CA ASN A 263 -13.45 -2.39 11.22
C ASN A 263 -13.00 -0.94 11.09
N PRO A 264 -12.38 -0.39 12.18
CA PRO A 264 -12.13 1.08 12.15
C PRO A 264 -11.11 1.54 11.14
N GLU A 265 -10.28 0.60 10.70
CA GLU A 265 -9.44 0.85 9.53
C GLU A 265 -9.74 -0.26 8.57
N PHE A 266 -9.85 0.12 7.32
CA PHE A 266 -10.12 -0.87 6.31
C PHE A 266 -9.41 -0.48 5.07
N THR A 267 -9.32 -1.44 4.13
CA THR A 267 -8.57 -1.14 2.90
C THR A 267 -9.47 -0.89 1.73
N SER A 268 -9.37 0.27 1.15
CA SER A 268 -10.16 0.63 -0.06
C SER A 268 -9.22 0.67 -1.31
N CYS A 269 -9.79 0.47 -2.49
CA CYS A 269 -9.17 0.85 -3.72
C CYS A 269 -10.08 1.90 -4.33
N GLU A 270 -9.57 3.11 -4.61
CA GLU A 270 -10.39 4.15 -5.22
C GLU A 270 -9.64 4.52 -6.52
N PHE A 271 -10.35 4.65 -7.64
CA PHE A 271 -9.77 5.10 -8.88
C PHE A 271 -10.61 6.19 -9.48
N TYR A 272 -9.95 7.01 -10.28
CA TYR A 272 -10.59 8.04 -11.13
C TYR A 272 -10.11 7.86 -12.54
N TRP A 273 -11.06 8.00 -13.45
CA TRP A 273 -10.92 7.65 -14.85
C TRP A 273 -11.48 8.76 -15.72
N ALA A 274 -10.59 9.64 -16.18
CA ALA A 274 -11.04 10.77 -17.04
C ALA A 274 -11.73 10.22 -18.27
N TYR A 275 -12.82 10.89 -18.62
CA TYR A 275 -13.57 10.60 -19.88
C TYR A 275 -14.42 9.40 -19.85
N ALA A 276 -14.52 8.73 -18.70
CA ALA A 276 -15.47 7.67 -18.45
C ALA A 276 -16.79 8.19 -17.90
N ASP A 277 -17.83 7.40 -18.19
CA ASP A 277 -19.26 7.57 -17.84
C ASP A 277 -19.68 6.38 -16.95
N TYR A 278 -20.90 6.54 -16.46
CA TYR A 278 -21.70 5.49 -15.83
C TYR A 278 -21.52 4.14 -16.37
N ASN A 279 -21.76 4.05 -17.65
CA ASN A 279 -21.82 2.84 -18.35
C ASN A 279 -20.44 2.21 -18.32
N ASP A 280 -19.36 3.03 -18.42
CA ASP A 280 -18.03 2.46 -18.36
C ASP A 280 -17.77 1.87 -16.94
N LEU A 281 -18.34 2.52 -15.94
CA LEU A 281 -18.11 2.04 -14.54
C LEU A 281 -18.86 0.77 -14.21
N ILE A 282 -20.06 0.66 -14.76
CA ILE A 282 -20.79 -0.56 -14.67
C ILE A 282 -20.08 -1.74 -15.37
N LYS A 283 -19.61 -1.49 -16.60
CA LYS A 283 -18.90 -2.52 -17.34
C LYS A 283 -17.60 -2.91 -16.64
N TRP A 284 -16.85 -1.92 -16.16
CA TRP A 284 -15.65 -2.19 -15.34
C TRP A 284 -15.94 -3.13 -14.21
N SER A 285 -16.98 -2.87 -13.44
CA SER A 285 -17.39 -3.66 -12.31
C SER A 285 -17.71 -5.10 -12.67
N GLU A 286 -18.57 -5.21 -13.70
CA GLU A 286 -18.89 -6.57 -14.21
C GLU A 286 -17.67 -7.31 -14.70
N ASP A 287 -16.80 -6.64 -15.44
CA ASP A 287 -15.55 -7.26 -15.96
C ASP A 287 -14.63 -7.71 -14.81
N PHE A 288 -14.48 -6.81 -13.86
CA PHE A 288 -13.55 -7.03 -12.79
C PHE A 288 -14.04 -8.17 -11.88
N PHE A 289 -15.29 -8.14 -11.39
CA PHE A 289 -15.73 -9.19 -10.51
C PHE A 289 -15.76 -10.59 -11.17
N SER A 290 -16.32 -10.60 -12.38
CA SER A 290 -16.37 -11.90 -13.09
C SER A 290 -14.96 -12.48 -13.32
N GLN A 291 -14.03 -11.64 -13.78
CA GLN A 291 -12.70 -12.10 -14.09
C GLN A 291 -11.92 -12.44 -12.83
N LEU A 292 -12.16 -11.67 -11.73
CA LEU A 292 -11.50 -12.08 -10.46
C LEU A 292 -11.97 -13.46 -9.97
N VAL A 293 -13.27 -13.67 -9.95
CA VAL A 293 -13.79 -14.94 -9.45
C VAL A 293 -13.30 -16.11 -10.34
N TYR A 294 -13.34 -15.95 -11.64
CA TYR A 294 -12.85 -16.95 -12.59
C TYR A 294 -11.34 -17.22 -12.30
N HIS A 295 -10.55 -16.15 -12.12
CA HIS A 295 -9.12 -16.30 -11.78
C HIS A 295 -8.90 -17.14 -10.54
N LEU A 296 -9.66 -16.90 -9.48
CA LEU A 296 -9.53 -17.63 -8.27
C LEU A 296 -10.06 -19.06 -8.31
N PHE A 297 -11.17 -19.23 -8.99
CA PHE A 297 -11.94 -20.47 -8.84
C PHE A 297 -12.11 -21.34 -10.10
N GLY A 298 -11.80 -20.77 -11.24
CA GLY A 298 -12.06 -21.40 -12.52
C GLY A 298 -13.51 -21.62 -12.86
N THR A 299 -14.40 -20.81 -12.28
CA THR A 299 -15.83 -20.83 -12.53
C THR A 299 -16.31 -19.43 -12.04
N TYR A 300 -17.48 -19.03 -12.49
CA TYR A 300 -18.18 -17.82 -11.99
C TYR A 300 -19.01 -17.97 -10.78
N LYS A 301 -19.27 -19.19 -10.36
CA LYS A 301 -20.16 -19.51 -9.26
C LYS A 301 -19.44 -19.94 -8.04
N ILE A 302 -19.84 -19.38 -6.91
CA ILE A 302 -19.26 -19.80 -5.67
C ILE A 302 -20.27 -20.10 -4.64
N SER A 303 -19.79 -20.77 -3.63
CA SER A 303 -20.54 -21.12 -2.52
C SER A 303 -20.23 -20.19 -1.34
N TYR A 304 -21.26 -19.73 -0.59
CA TYR A 304 -21.04 -18.85 0.57
C TYR A 304 -21.99 -19.19 1.67
N ASN A 305 -21.48 -19.46 2.84
CA ASN A 305 -22.33 -19.62 4.03
C ASN A 305 -22.80 -18.31 4.63
N LYS A 306 -23.84 -17.75 4.03
CA LYS A 306 -24.40 -16.47 4.43
C LYS A 306 -24.86 -16.47 5.87
N ASP A 307 -25.38 -17.60 6.32
CA ASP A 307 -26.01 -17.64 7.64
C ASP A 307 -25.17 -18.46 8.56
N GLY A 308 -23.92 -18.70 8.20
CA GLY A 308 -22.98 -19.27 9.11
C GLY A 308 -22.68 -20.70 8.73
N PRO A 309 -21.56 -21.23 9.24
CA PRO A 309 -21.00 -22.54 8.98
C PRO A 309 -21.92 -23.71 9.37
N GLU A 310 -22.83 -23.48 10.31
CA GLU A 310 -23.76 -24.51 10.77
C GLU A 310 -25.04 -24.67 9.89
N ASN A 311 -25.32 -23.68 9.01
CA ASN A 311 -26.45 -23.71 8.08
C ASN A 311 -25.97 -23.85 6.66
N GLN A 312 -26.90 -24.23 5.79
CA GLN A 312 -26.55 -24.63 4.42
C GLN A 312 -26.06 -23.36 3.65
N PRO A 313 -25.13 -23.52 2.74
CA PRO A 313 -24.63 -22.33 2.04
C PRO A 313 -25.58 -21.95 0.93
N ILE A 314 -25.36 -20.78 0.35
CA ILE A 314 -25.96 -20.41 -0.95
C ILE A 314 -24.94 -20.34 -2.07
N GLU A 315 -25.44 -20.25 -3.28
CA GLU A 315 -24.60 -20.09 -4.42
C GLU A 315 -24.72 -18.65 -4.89
N ILE A 316 -23.57 -18.03 -5.16
CA ILE A 316 -23.51 -16.67 -5.72
C ILE A 316 -22.88 -16.77 -7.04
N ASP A 317 -23.58 -16.30 -8.04
CA ASP A 317 -23.19 -16.35 -9.36
C ASP A 317 -22.72 -14.99 -9.88
N PHE A 318 -21.45 -14.98 -10.29
CA PHE A 318 -20.81 -13.77 -10.79
C PHE A 318 -20.76 -13.67 -12.28
N THR A 319 -21.56 -14.54 -13.01
CA THR A 319 -21.76 -14.34 -14.44
C THR A 319 -22.43 -13.01 -14.79
N PRO A 320 -21.82 -12.20 -15.54
CA PRO A 320 -22.37 -10.90 -15.89
C PRO A 320 -23.43 -11.05 -17.03
N PRO A 321 -24.28 -10.04 -17.30
CA PRO A 321 -24.38 -8.76 -16.51
C PRO A 321 -25.18 -9.00 -15.26
N TYR A 322 -25.19 -8.00 -14.39
CA TYR A 322 -25.83 -8.09 -13.11
C TYR A 322 -27.06 -7.15 -13.11
N PRO A 323 -28.06 -7.45 -12.28
CA PRO A 323 -29.27 -6.60 -12.21
C PRO A 323 -28.96 -5.18 -11.77
N LYS A 324 -29.71 -4.24 -12.32
CA LYS A 324 -29.69 -2.83 -11.85
C LYS A 324 -31.04 -2.37 -11.37
N VAL A 325 -31.10 -1.84 -10.17
CA VAL A 325 -32.38 -1.50 -9.49
C VAL A 325 -32.34 -0.01 -9.19
N SER A 326 -33.20 0.79 -9.81
CA SER A 326 -33.25 2.24 -9.56
C SER A 326 -33.90 2.51 -8.22
N ILE A 327 -33.16 3.08 -7.27
CA ILE A 327 -33.56 3.16 -5.88
C ILE A 327 -34.93 3.82 -5.61
N VAL A 328 -35.15 5.00 -6.19
CA VAL A 328 -36.42 5.71 -5.90
C VAL A 328 -37.61 5.00 -6.46
N GLU A 329 -37.51 4.66 -7.74
CA GLU A 329 -38.59 3.95 -8.47
C GLU A 329 -38.97 2.70 -7.73
N GLU A 330 -37.97 1.94 -7.26
CA GLU A 330 -38.25 0.75 -6.54
C GLU A 330 -38.87 1.02 -5.20
N ILE A 331 -38.42 2.00 -4.42
CA ILE A 331 -39.04 2.28 -3.11
C ILE A 331 -40.55 2.65 -3.37
N GLU A 332 -40.73 3.51 -4.34
CA GLU A 332 -42.10 4.01 -4.66
C GLU A 332 -43.03 2.88 -5.06
N LYS A 333 -42.51 1.94 -5.85
CA LYS A 333 -43.24 0.78 -6.28
C LYS A 333 -43.67 -0.10 -5.10
N VAL A 334 -42.75 -0.44 -4.23
CA VAL A 334 -43.05 -1.42 -3.21
C VAL A 334 -43.90 -0.82 -2.15
N THR A 335 -43.73 0.47 -1.85
CA THR A 335 -44.49 1.16 -0.82
C THR A 335 -45.79 1.80 -1.36
N ASN A 336 -45.99 1.75 -2.66
CA ASN A 336 -47.06 2.47 -3.35
C ASN A 336 -47.25 3.93 -2.99
N THR A 337 -46.13 4.61 -2.81
CA THR A 337 -46.08 5.97 -2.38
C THR A 337 -45.05 6.68 -3.22
N ILE A 338 -45.46 7.83 -3.75
CA ILE A 338 -44.55 8.74 -4.43
C ILE A 338 -43.84 9.60 -3.42
N LEU A 339 -42.54 9.65 -3.54
CA LEU A 339 -41.71 10.55 -2.72
C LEU A 339 -41.39 11.80 -3.53
N GLU A 340 -42.25 12.78 -3.36
CA GLU A 340 -42.22 13.96 -4.20
C GLU A 340 -40.96 14.76 -3.96
N GLN A 341 -40.37 15.19 -5.05
CA GLN A 341 -39.24 16.05 -4.94
C GLN A 341 -39.62 17.51 -4.60
N PRO A 342 -38.79 18.21 -3.87
CA PRO A 342 -37.47 17.69 -3.33
C PRO A 342 -37.60 16.76 -2.18
N PHE A 343 -36.63 15.83 -2.05
CA PHE A 343 -36.78 14.75 -1.07
C PHE A 343 -36.60 15.25 0.36
N ASP A 344 -35.94 16.38 0.54
CA ASP A 344 -35.82 16.96 1.85
C ASP A 344 -36.85 18.03 2.20
N SER A 345 -37.94 18.15 1.45
CA SER A 345 -39.08 18.93 1.91
C SER A 345 -39.63 18.38 3.21
N ASN A 346 -40.26 19.25 4.01
CA ASN A 346 -40.82 18.77 5.26
C ASN A 346 -41.83 17.69 4.96
N GLU A 347 -42.61 17.83 3.86
CA GLU A 347 -43.68 16.88 3.54
C GLU A 347 -43.12 15.52 3.14
N THR A 348 -42.10 15.51 2.32
CA THR A 348 -41.53 14.23 1.91
C THR A 348 -40.75 13.47 3.02
N ILE A 349 -40.03 14.21 3.85
CA ILE A 349 -39.46 13.68 5.07
C ILE A 349 -40.53 13.02 5.90
N GLU A 350 -41.62 13.76 6.15
CA GLU A 350 -42.75 13.15 6.89
C GLU A 350 -43.28 11.90 6.25
N LYS A 351 -43.43 11.87 4.93
CA LYS A 351 -43.85 10.67 4.29
C LYS A 351 -42.86 9.51 4.51
N MET A 352 -41.56 9.76 4.37
CA MET A 352 -40.59 8.67 4.56
C MET A 352 -40.63 8.13 6.05
N ILE A 353 -40.73 9.02 6.97
CA ILE A 353 -40.83 8.68 8.41
C ILE A 353 -42.09 7.80 8.60
N ASN A 354 -43.22 8.15 7.96
CA ASN A 354 -44.41 7.37 8.12
C ASN A 354 -44.21 6.00 7.58
N ILE A 355 -43.51 5.86 6.41
CA ILE A 355 -43.34 4.53 5.93
C ILE A 355 -42.47 3.71 6.86
N ILE A 356 -41.42 4.38 7.35
CA ILE A 356 -40.45 3.75 8.25
C ILE A 356 -41.22 3.27 9.53
N LYS A 357 -42.02 4.17 10.04
CA LYS A 357 -42.91 3.85 11.23
C LYS A 357 -43.83 2.64 10.98
N GLU A 358 -44.58 2.66 9.88
CA GLU A 358 -45.40 1.46 9.51
C GLU A 358 -44.70 0.14 9.29
N HIS A 359 -43.47 0.06 8.80
CA HIS A 359 -42.75 -1.17 8.65
C HIS A 359 -41.88 -1.46 9.86
N LYS A 360 -41.93 -0.61 10.89
CA LYS A 360 -41.13 -0.86 12.09
C LYS A 360 -39.66 -0.99 11.76
N ILE A 361 -39.20 -0.13 10.86
CA ILE A 361 -37.80 -0.02 10.52
C ILE A 361 -37.22 0.99 11.49
N GLU A 362 -36.01 0.71 11.92
CA GLU A 362 -35.38 1.58 12.88
C GLU A 362 -35.25 2.97 12.30
N LEU A 363 -35.73 4.00 13.03
CA LEU A 363 -35.62 5.36 12.53
C LEU A 363 -34.25 5.78 12.68
N PRO A 364 -33.68 6.41 11.65
CA PRO A 364 -32.30 6.79 11.86
C PRO A 364 -32.17 8.05 12.62
N ASN A 365 -30.94 8.22 13.10
CA ASN A 365 -30.62 9.32 13.93
C ASN A 365 -29.42 10.09 13.36
N PRO A 366 -29.58 11.38 13.05
CA PRO A 366 -30.80 12.08 12.92
C PRO A 366 -31.62 11.64 11.64
N PRO A 367 -32.89 11.95 11.59
CA PRO A 367 -33.71 11.43 10.48
C PRO A 367 -33.66 12.35 9.28
N THR A 368 -32.49 12.47 8.63
CA THR A 368 -32.32 13.40 7.52
C THR A 368 -32.81 12.69 6.29
N ALA A 369 -33.12 13.46 5.25
CA ALA A 369 -33.67 12.83 4.06
C ALA A 369 -32.74 11.75 3.56
N ALA A 370 -31.44 12.04 3.49
CA ALA A 370 -30.56 10.97 2.96
C ALA A 370 -30.50 9.73 3.78
N LYS A 371 -30.50 9.92 5.13
CA LYS A 371 -30.49 8.72 5.95
C LYS A 371 -31.82 7.90 5.91
N LEU A 372 -32.90 8.60 5.73
CA LEU A 372 -34.19 7.97 5.54
C LEU A 372 -34.26 7.13 4.26
N LEU A 373 -33.80 7.72 3.18
CA LEU A 373 -33.68 6.96 1.91
C LEU A 373 -32.76 5.75 2.05
N ASP A 374 -31.66 5.90 2.77
CA ASP A 374 -30.74 4.78 3.02
C ASP A 374 -31.43 3.63 3.75
N GLN A 375 -32.18 4.00 4.80
CA GLN A 375 -32.90 2.96 5.58
C GLN A 375 -33.99 2.26 4.73
N LEU A 376 -34.69 3.06 3.93
CA LEU A 376 -35.68 2.47 3.01
C LEU A 376 -35.12 1.51 2.02
N ALA A 377 -33.99 1.90 1.43
CA ALA A 377 -33.26 0.96 0.56
C ALA A 377 -32.74 -0.29 1.24
N SER A 378 -32.21 -0.16 2.45
CA SER A 378 -31.78 -1.37 3.18
C SER A 378 -32.95 -2.30 3.46
N HIS A 379 -34.13 -1.72 3.78
CA HIS A 379 -35.28 -2.56 4.02
C HIS A 379 -35.94 -3.17 2.78
N PHE A 380 -36.12 -2.39 1.72
CA PHE A 380 -36.88 -2.78 0.58
C PHE A 380 -36.07 -3.31 -0.59
N ILE A 381 -34.79 -3.04 -0.64
CA ILE A 381 -34.00 -3.38 -1.79
C ILE A 381 -32.71 -4.21 -1.53
N GLU A 382 -31.92 -3.81 -0.54
CA GLU A 382 -30.54 -4.31 -0.42
C GLU A 382 -30.53 -5.81 -0.25
N ASN A 383 -31.59 -6.42 0.30
CA ASN A 383 -31.66 -7.89 0.35
C ASN A 383 -32.42 -8.58 -0.78
N LYS A 384 -32.73 -7.85 -1.87
CA LYS A 384 -33.46 -8.35 -3.07
C LYS A 384 -32.83 -9.56 -3.79
N TYR A 385 -31.51 -9.65 -3.77
CA TYR A 385 -30.77 -10.63 -4.57
C TYR A 385 -29.62 -11.21 -3.77
N ASN A 386 -29.78 -12.37 -3.22
CA ASN A 386 -28.70 -13.02 -2.47
C ASN A 386 -27.90 -13.97 -3.38
N ASP A 387 -28.40 -14.23 -4.58
CA ASP A 387 -27.85 -15.28 -5.49
C ASP A 387 -26.90 -14.71 -6.58
N LYS A 388 -26.84 -13.40 -6.71
CA LYS A 388 -25.95 -12.75 -7.63
C LYS A 388 -25.64 -11.34 -7.04
N PRO A 389 -24.53 -10.83 -7.42
CA PRO A 389 -24.31 -9.39 -7.10
C PRO A 389 -25.29 -8.57 -7.88
N PHE A 390 -25.59 -7.40 -7.38
CA PHE A 390 -26.49 -6.50 -8.15
C PHE A 390 -26.17 -5.03 -7.76
N PHE A 391 -26.52 -4.11 -8.62
CA PHE A 391 -26.36 -2.69 -8.42
C PHE A 391 -27.68 -1.95 -8.05
N ILE A 392 -27.60 -1.07 -7.08
CA ILE A 392 -28.60 -0.07 -6.81
C ILE A 392 -28.11 1.14 -7.52
N VAL A 393 -28.96 1.78 -8.30
CA VAL A 393 -28.53 2.87 -9.23
C VAL A 393 -29.43 4.10 -9.15
N GLU A 394 -28.89 5.19 -9.67
CA GLU A 394 -29.63 6.45 -9.92
C GLU A 394 -30.07 7.08 -8.60
N HIS A 395 -29.21 7.04 -7.60
CA HIS A 395 -29.48 7.68 -6.36
C HIS A 395 -29.79 9.18 -6.49
N PRO A 396 -30.71 9.69 -5.63
CA PRO A 396 -30.97 11.12 -5.52
C PRO A 396 -29.71 11.93 -5.29
N GLN A 397 -29.66 13.11 -5.85
CA GLN A 397 -28.65 14.10 -5.59
C GLN A 397 -28.42 14.37 -4.10
N ILE A 398 -29.48 14.38 -3.33
CA ILE A 398 -29.28 14.71 -1.94
C ILE A 398 -28.51 13.63 -1.21
N MET A 399 -28.52 12.38 -1.73
CA MET A 399 -27.70 11.29 -1.18
C MET A 399 -26.26 11.26 -1.71
N SER A 400 -25.97 12.08 -2.70
CA SER A 400 -24.82 11.85 -3.59
C SER A 400 -24.26 13.20 -4.03
N PRO A 401 -23.80 14.04 -3.09
CA PRO A 401 -23.45 15.43 -3.46
C PRO A 401 -22.25 15.61 -4.38
N LEU A 402 -21.46 14.55 -4.55
CA LEU A 402 -20.36 14.64 -5.55
C LEU A 402 -20.66 14.04 -6.92
N ALA A 403 -21.87 13.53 -7.10
CA ALA A 403 -22.24 12.83 -8.31
C ALA A 403 -22.95 13.75 -9.27
N LYS A 404 -22.60 13.58 -10.53
CA LYS A 404 -23.14 14.40 -11.58
C LYS A 404 -24.64 14.10 -11.77
N TYR A 405 -25.38 15.15 -12.17
CA TYR A 405 -26.83 15.00 -12.42
C TYR A 405 -27.18 14.02 -13.46
N HIS A 406 -28.26 13.23 -13.28
CA HIS A 406 -28.67 12.25 -14.24
C HIS A 406 -29.18 13.02 -15.50
N ARG A 407 -28.88 12.53 -16.67
CA ARG A 407 -29.18 13.34 -17.86
C ARG A 407 -30.63 13.29 -18.27
N THR A 408 -31.43 12.35 -17.78
CA THR A 408 -32.84 12.31 -18.06
C THR A 408 -33.85 12.12 -16.97
N LYS A 409 -33.41 11.87 -15.73
CA LYS A 409 -34.31 11.62 -14.59
C LYS A 409 -33.96 12.77 -13.62
N PRO A 410 -34.71 13.89 -13.67
CA PRO A 410 -34.31 14.98 -12.78
C PRO A 410 -34.28 14.66 -11.32
N GLY A 411 -33.32 15.23 -10.61
CA GLY A 411 -33.13 15.02 -9.23
C GLY A 411 -32.27 13.79 -8.84
N LEU A 412 -32.00 12.96 -9.81
CA LEU A 412 -31.21 11.74 -9.60
C LEU A 412 -29.79 12.02 -10.13
N THR A 413 -28.93 10.99 -9.96
CA THR A 413 -27.51 11.02 -10.36
C THR A 413 -27.16 9.79 -11.12
N GLU A 414 -25.97 9.84 -11.73
CA GLU A 414 -25.41 8.69 -12.42
C GLU A 414 -24.48 7.95 -11.45
N ARG A 415 -25.07 7.28 -10.50
CA ARG A 415 -24.37 6.57 -9.41
C ARG A 415 -24.80 5.11 -9.47
N LEU A 416 -23.85 4.24 -9.07
CA LEU A 416 -24.10 2.82 -8.93
C LEU A 416 -23.45 2.33 -7.64
N GLU A 417 -24.06 1.39 -6.98
CA GLU A 417 -23.51 0.82 -5.73
C GLU A 417 -23.75 -0.67 -5.82
N MET A 418 -22.71 -1.50 -5.67
CA MET A 418 -22.83 -2.90 -5.91
C MET A 418 -22.87 -3.60 -4.57
N PHE A 419 -23.75 -4.60 -4.43
CA PHE A 419 -24.02 -5.36 -3.20
C PHE A 419 -23.84 -6.84 -3.48
N ILE A 420 -23.20 -7.50 -2.53
CA ILE A 420 -23.07 -9.00 -2.50
C ILE A 420 -23.72 -9.40 -1.19
N CYS A 421 -24.75 -10.28 -1.29
CA CYS A 421 -25.51 -10.71 -0.13
C CYS A 421 -25.91 -9.62 0.80
N GLY A 422 -26.45 -8.54 0.26
CA GLY A 422 -26.98 -7.51 1.06
C GLY A 422 -25.94 -6.56 1.64
N LYS A 423 -24.68 -6.73 1.27
CA LYS A 423 -23.58 -5.82 1.76
C LYS A 423 -22.91 -5.02 0.66
N GLU A 424 -22.78 -3.69 0.90
CA GLU A 424 -22.15 -2.80 -0.07
C GLU A 424 -20.66 -3.16 -0.24
N VAL A 425 -20.22 -3.39 -1.46
CA VAL A 425 -18.76 -3.58 -1.68
C VAL A 425 -18.12 -2.56 -2.65
N LEU A 426 -18.91 -1.76 -3.32
CA LEU A 426 -18.50 -0.88 -4.36
C LEU A 426 -19.49 0.29 -4.51
N ASN A 427 -18.92 1.47 -4.70
CA ASN A 427 -19.72 2.67 -4.96
C ASN A 427 -18.99 3.41 -6.04
N ALA A 428 -19.75 3.94 -7.03
CA ALA A 428 -19.12 4.63 -8.19
C ALA A 428 -20.09 5.64 -8.77
N TYR A 429 -19.53 6.65 -9.44
CA TYR A 429 -20.37 7.64 -10.10
C TYR A 429 -19.56 8.51 -11.01
N THR A 430 -20.23 9.11 -12.00
CA THR A 430 -19.71 10.26 -12.76
CA THR A 430 -19.57 10.21 -12.69
C THR A 430 -19.55 11.43 -11.78
N GLU A 431 -18.41 12.13 -11.77
CA GLU A 431 -18.18 13.25 -10.84
C GLU A 431 -18.91 14.53 -11.29
N LEU A 432 -19.54 15.21 -10.32
CA LEU A 432 -20.12 16.54 -10.60
C LEU A 432 -18.94 17.50 -10.80
N ASN A 433 -18.70 17.92 -12.05
CA ASN A 433 -17.54 18.75 -12.33
C ASN A 433 -17.80 20.24 -12.60
N ASP A 434 -19.06 20.66 -12.56
CA ASP A 434 -19.43 22.09 -12.70
C ASP A 434 -19.37 22.73 -11.36
N PRO A 435 -18.35 23.60 -11.10
CA PRO A 435 -18.19 24.21 -9.78
C PRO A 435 -19.42 25.03 -9.37
N PHE A 436 -20.12 25.55 -10.33
CA PHE A 436 -21.37 26.31 -10.00
C PHE A 436 -22.55 25.45 -9.63
N LYS A 437 -22.47 24.13 -9.88
CA LYS A 437 -23.45 23.21 -9.39
C LYS A 437 -23.03 22.46 -8.15
N GLN A 438 -21.76 22.59 -7.70
CA GLN A 438 -21.28 21.86 -6.57
C GLN A 438 -21.64 22.65 -5.28
N LYS A 439 -22.71 22.24 -4.63
CA LYS A 439 -23.27 23.04 -3.52
C LYS A 439 -22.32 23.14 -2.35
N GLU A 440 -21.49 22.11 -2.21
CA GLU A 440 -20.60 22.03 -1.10
C GLU A 440 -19.45 22.98 -1.30
N CYS A 441 -19.45 23.77 -2.40
CA CYS A 441 -18.43 24.77 -2.51
CA CYS A 441 -18.48 24.86 -2.75
C CYS A 441 -18.90 26.15 -2.12
N PHE A 442 -20.12 26.54 -2.50
CA PHE A 442 -20.60 27.91 -2.38
C PHE A 442 -21.67 28.10 -1.34
N LEU A 459 -17.02 21.37 1.76
CA LEU A 459 -15.93 20.64 1.10
C LEU A 459 -14.58 21.35 1.27
N ASP A 460 -13.51 20.59 1.50
CA ASP A 460 -12.14 21.17 1.54
C ASP A 460 -12.03 22.23 0.46
N SER A 461 -11.80 23.48 0.89
CA SER A 461 -11.79 24.64 -0.03
CA SER A 461 -11.71 24.68 0.00
C SER A 461 -10.81 24.38 -1.18
N ALA A 462 -9.76 23.60 -0.90
CA ALA A 462 -8.78 23.11 -1.90
C ALA A 462 -9.45 22.33 -3.04
N PHE A 463 -10.46 21.52 -2.74
CA PHE A 463 -11.17 20.79 -3.80
C PHE A 463 -11.94 21.70 -4.71
N CYS A 464 -12.68 22.62 -4.09
CA CYS A 464 -13.48 23.60 -4.81
CA CYS A 464 -13.50 23.57 -4.91
CA CYS A 464 -13.49 23.59 -4.74
C CYS A 464 -12.61 24.43 -5.77
N THR A 465 -11.50 24.85 -5.27
CA THR A 465 -10.54 25.58 -6.03
C THR A 465 -10.07 24.77 -7.21
N SER A 466 -9.77 23.49 -6.93
CA SER A 466 -9.24 22.67 -8.03
C SER A 466 -10.26 22.49 -9.10
N LEU A 467 -11.57 22.41 -8.76
CA LEU A 467 -12.57 22.37 -9.81
C LEU A 467 -12.60 23.57 -10.74
N GLU A 468 -12.26 24.75 -10.21
CA GLU A 468 -12.19 25.97 -10.96
C GLU A 468 -11.10 25.95 -11.95
N TYR A 469 -10.14 25.02 -11.81
CA TYR A 469 -9.15 24.87 -12.89
C TYR A 469 -9.51 23.90 -13.98
N GLY A 470 -10.65 23.22 -13.81
CA GLY A 470 -11.16 22.38 -14.87
C GLY A 470 -10.88 20.88 -14.60
N LEU A 471 -11.89 20.23 -14.08
CA LEU A 471 -11.92 18.73 -13.99
C LEU A 471 -12.65 18.26 -15.19
N PRO A 472 -11.99 17.43 -16.03
CA PRO A 472 -12.64 16.81 -17.13
C PRO A 472 -13.83 15.98 -16.70
N PRO A 473 -14.77 15.71 -17.58
CA PRO A 473 -15.69 14.65 -17.25
C PRO A 473 -14.92 13.38 -16.82
N THR A 474 -15.33 12.82 -15.71
CA THR A 474 -14.59 11.74 -15.02
C THR A 474 -15.50 10.78 -14.33
N GLY A 475 -15.09 9.51 -14.28
CA GLY A 475 -15.78 8.52 -13.45
C GLY A 475 -14.90 8.11 -12.29
N GLY A 476 -15.52 7.95 -11.15
CA GLY A 476 -14.74 7.49 -9.97
C GLY A 476 -15.41 6.29 -9.39
N LEU A 477 -14.61 5.50 -8.68
CA LEU A 477 -15.10 4.19 -8.15
C LEU A 477 -14.32 3.82 -6.94
N GLY A 478 -14.99 3.30 -5.93
CA GLY A 478 -14.25 2.68 -4.84
C GLY A 478 -14.79 1.26 -4.52
N LEU A 479 -13.84 0.40 -4.09
CA LEU A 479 -14.04 -0.99 -3.68
C LEU A 479 -13.56 -1.17 -2.25
N GLY A 480 -14.36 -1.95 -1.51
CA GLY A 480 -13.99 -2.40 -0.16
C GLY A 480 -13.31 -3.72 -0.27
N ILE A 481 -12.02 -3.71 -0.11
CA ILE A 481 -11.25 -4.94 -0.33
C ILE A 481 -11.54 -5.99 0.75
N ASP A 482 -11.66 -5.57 2.01
CA ASP A 482 -11.96 -6.57 3.11
C ASP A 482 -13.30 -7.29 2.83
N ARG A 483 -14.32 -6.51 2.47
CA ARG A 483 -15.64 -7.19 2.31
C ARG A 483 -15.58 -8.11 1.15
N ILE A 484 -14.93 -7.68 0.06
CA ILE A 484 -14.82 -8.60 -1.10
C ILE A 484 -14.13 -9.89 -0.66
N THR A 485 -13.01 -9.75 0.06
CA THR A 485 -12.26 -10.93 0.55
C THR A 485 -13.14 -11.90 1.39
N MET A 486 -13.94 -11.33 2.27
CA MET A 486 -14.94 -12.09 3.06
C MET A 486 -15.71 -13.01 2.11
N PHE A 487 -16.31 -12.46 1.07
CA PHE A 487 -17.17 -13.30 0.24
C PHE A 487 -16.40 -14.38 -0.51
N LEU A 488 -15.18 -14.08 -0.91
CA LEU A 488 -14.40 -14.99 -1.69
C LEU A 488 -13.56 -15.90 -0.85
N THR A 489 -13.60 -15.83 0.46
CA THR A 489 -13.01 -16.78 1.37
C THR A 489 -13.99 -17.40 2.30
N ASN A 490 -15.31 -17.19 2.04
CA ASN A 490 -16.33 -17.78 2.84
C ASN A 490 -16.30 -17.47 4.31
N LYS A 491 -16.06 -16.20 4.62
CA LYS A 491 -16.10 -15.68 5.93
C LYS A 491 -17.26 -14.81 6.17
N ASN A 492 -17.82 -14.86 7.37
CA ASN A 492 -18.97 -14.07 7.79
C ASN A 492 -18.52 -12.87 8.62
N SER A 493 -17.27 -12.81 9.09
CA SER A 493 -16.81 -11.63 9.84
C SER A 493 -15.53 -11.04 9.12
N ILE A 494 -15.48 -9.73 8.92
CA ILE A 494 -14.32 -8.97 8.51
C ILE A 494 -13.11 -9.30 9.38
N LYS A 495 -13.29 -9.63 10.65
CA LYS A 495 -12.17 -9.99 11.51
C LYS A 495 -11.38 -11.21 11.04
N ASP A 496 -11.98 -12.09 10.28
CA ASP A 496 -11.36 -13.24 9.74
C ASP A 496 -10.53 -12.96 8.49
N VAL A 497 -10.59 -11.74 7.91
CA VAL A 497 -9.84 -11.36 6.66
C VAL A 497 -8.82 -10.19 6.91
N ILE A 498 -8.66 -9.77 8.18
CA ILE A 498 -7.72 -8.74 8.58
C ILE A 498 -6.79 -9.37 9.59
N LEU A 499 -5.50 -9.32 9.30
CA LEU A 499 -4.55 -10.07 10.10
C LEU A 499 -4.64 -9.70 11.60
N PHE A 500 -4.72 -8.39 11.87
CA PHE A 500 -4.84 -7.93 13.26
C PHE A 500 -5.96 -6.91 13.42
N PRO A 501 -7.24 -7.35 13.61
CA PRO A 501 -8.38 -6.43 13.68
C PRO A 501 -8.32 -5.58 14.99
N THR A 502 -8.96 -4.45 14.96
CA THR A 502 -8.92 -3.46 16.08
C THR A 502 -9.63 -4.06 17.30
N MET A 503 -8.88 -4.27 18.36
CA MET A 503 -9.47 -4.89 19.56
C MET A 503 -8.90 -4.14 20.79
N ARG A 504 -9.73 -4.06 21.84
CA ARG A 504 -9.24 -3.59 23.13
CA ARG A 504 -9.23 -3.63 23.16
C ARG A 504 -8.20 -4.59 23.65
N PRO A 505 -7.34 -4.12 24.58
CA PRO A 505 -6.39 -5.10 25.17
C PRO A 505 -7.10 -6.26 25.93
N ALA A 506 -6.40 -7.40 26.05
CA ALA A 506 -6.94 -8.57 26.75
C ALA A 506 -6.88 -8.37 28.25
N VAL B 2 -3.51 41.89 -17.92
CA VAL B 2 -4.42 40.78 -17.46
C VAL B 2 -4.40 40.59 -15.91
N ASP B 3 -5.51 40.92 -15.23
CA ASP B 3 -5.60 40.83 -13.75
C ASP B 3 -6.32 39.52 -13.28
N PRO B 4 -5.64 38.66 -12.51
CA PRO B 4 -6.23 37.36 -12.07
C PRO B 4 -7.68 37.35 -11.44
N ARG B 5 -8.02 38.32 -10.56
CA ARG B 5 -9.38 38.39 -9.99
C ARG B 5 -10.43 38.67 -11.08
N LEU B 6 -10.11 39.58 -11.99
CA LEU B 6 -11.05 40.07 -13.01
C LEU B 6 -11.21 39.01 -14.10
N TYR B 7 -10.09 38.37 -14.44
CA TYR B 7 -10.06 37.22 -15.34
C TYR B 7 -11.08 36.15 -14.83
N PHE B 8 -10.96 35.77 -13.57
CA PHE B 8 -11.82 34.75 -13.00
C PHE B 8 -13.30 35.18 -13.02
N GLU B 9 -13.53 36.48 -12.76
CA GLU B 9 -14.87 36.96 -12.68
C GLU B 9 -15.51 36.94 -14.04
N ASN B 10 -14.73 37.25 -15.06
CA ASN B 10 -15.23 37.27 -16.39
C ASN B 10 -15.44 35.88 -16.92
N ARG B 11 -14.59 34.89 -16.52
CA ARG B 11 -14.83 33.50 -16.95
C ARG B 11 -16.03 32.94 -16.27
N SER B 12 -16.28 33.29 -15.01
CA SER B 12 -17.51 32.83 -14.35
C SER B 12 -18.74 33.40 -15.10
N LYS B 13 -18.67 34.65 -15.55
CA LYS B 13 -19.78 35.32 -16.24
C LYS B 13 -19.98 34.62 -17.58
N PHE B 14 -18.87 34.29 -18.24
CA PHE B 14 -18.94 33.50 -19.50
C PHE B 14 -19.69 32.17 -19.28
N ILE B 15 -19.37 31.45 -18.23
CA ILE B 15 -20.01 30.16 -18.07
C ILE B 15 -21.55 30.34 -18.07
N GLN B 16 -21.99 31.29 -17.27
CA GLN B 16 -23.42 31.50 -17.11
C GLN B 16 -24.08 31.99 -18.40
N ASP B 17 -23.35 32.78 -19.15
CA ASP B 17 -23.83 33.24 -20.48
C ASP B 17 -23.93 32.12 -21.43
N GLN B 18 -23.05 31.11 -21.34
CA GLN B 18 -23.19 29.98 -22.24
C GLN B 18 -24.46 29.19 -21.90
N LYS B 19 -24.68 29.02 -20.61
CA LYS B 19 -25.81 28.26 -20.12
C LYS B 19 -27.11 28.99 -20.57
N ASP B 20 -27.14 30.30 -20.43
CA ASP B 20 -28.29 31.13 -20.91
C ASP B 20 -28.55 31.03 -22.42
N LYS B 21 -27.55 30.67 -23.23
CA LYS B 21 -27.75 30.37 -24.65
C LYS B 21 -27.97 28.90 -24.99
N GLY B 22 -28.16 28.03 -24.00
CA GLY B 22 -28.51 26.64 -24.25
C GLY B 22 -27.34 25.71 -24.45
N ILE B 23 -26.14 26.22 -24.12
CA ILE B 23 -24.90 25.46 -24.24
C ILE B 23 -24.46 24.98 -22.86
N ASN B 24 -24.13 23.70 -22.74
CA ASN B 24 -23.72 23.19 -21.41
C ASN B 24 -22.21 23.22 -21.49
N PRO B 25 -21.53 24.13 -20.76
CA PRO B 25 -20.08 24.09 -20.89
C PRO B 25 -19.40 22.96 -20.10
N TYR B 26 -20.15 22.15 -19.34
CA TYR B 26 -19.67 20.93 -18.66
C TYR B 26 -20.54 19.74 -19.09
N PRO B 27 -20.47 19.36 -20.36
CA PRO B 27 -21.29 18.17 -20.81
C PRO B 27 -20.94 16.83 -20.20
N HIS B 28 -21.88 15.87 -20.29
CA HIS B 28 -21.75 14.61 -19.51
C HIS B 28 -20.64 13.65 -19.96
N LYS B 29 -20.60 13.44 -21.25
CA LYS B 29 -19.72 12.44 -21.84
C LYS B 29 -19.36 12.86 -23.24
N PHE B 30 -18.09 12.79 -23.54
CA PHE B 30 -17.58 12.88 -24.90
C PHE B 30 -16.86 11.54 -25.09
N GLU B 31 -17.14 10.85 -26.20
CA GLU B 31 -16.58 9.53 -26.38
C GLU B 31 -15.36 9.64 -27.24
N ARG B 32 -14.23 9.47 -26.59
CA ARG B 32 -12.98 9.59 -27.26
C ARG B 32 -12.59 8.28 -27.98
N THR B 33 -11.85 8.34 -29.08
CA THR B 33 -11.41 7.13 -29.78
C THR B 33 -9.91 6.90 -29.69
N ILE B 34 -9.12 7.88 -29.29
CA ILE B 34 -7.71 7.66 -29.19
C ILE B 34 -7.13 8.60 -28.13
N SER B 35 -6.09 8.18 -27.41
CA SER B 35 -5.41 9.16 -26.51
C SER B 35 -4.35 9.96 -27.24
N ILE B 36 -3.80 11.01 -26.64
CA ILE B 36 -2.74 11.77 -27.27
C ILE B 36 -1.45 10.96 -27.46
N PRO B 37 -1.02 10.17 -26.46
CA PRO B 37 0.16 9.29 -26.72
C PRO B 37 -0.03 8.27 -27.88
N GLU B 38 -1.23 7.72 -28.05
CA GLU B 38 -1.51 6.73 -29.01
C GLU B 38 -1.59 7.39 -30.37
N PHE B 39 -2.11 8.61 -30.37
CA PHE B 39 -2.13 9.45 -31.60
C PHE B 39 -0.74 9.72 -32.09
N ILE B 40 0.16 10.15 -31.20
CA ILE B 40 1.55 10.48 -31.58
C ILE B 40 2.15 9.19 -32.11
N GLU B 41 1.99 8.10 -31.39
CA GLU B 41 2.60 6.85 -31.87
C GLU B 41 2.09 6.43 -33.27
N LYS B 42 0.78 6.50 -33.50
CA LYS B 42 0.17 6.06 -34.78
C LYS B 42 0.56 6.99 -35.95
N TYR B 43 0.67 8.29 -35.75
CA TYR B 43 0.78 9.23 -36.88
C TYR B 43 2.14 9.98 -36.93
N LYS B 44 3.12 9.58 -36.11
CA LYS B 44 4.40 10.31 -36.06
C LYS B 44 5.20 10.16 -37.36
N ASP B 45 4.95 9.09 -38.13
CA ASP B 45 5.68 8.92 -39.40
C ASP B 45 5.00 9.58 -40.63
N LEU B 46 3.94 10.37 -40.47
CA LEU B 46 3.26 10.97 -41.65
C LEU B 46 4.22 11.92 -42.34
N GLY B 47 4.19 11.91 -43.69
CA GLY B 47 5.01 12.82 -44.46
C GLY B 47 4.54 14.22 -44.18
N ASN B 48 5.43 15.21 -44.27
CA ASN B 48 5.03 16.64 -44.13
C ASN B 48 3.74 17.01 -44.86
N GLY B 49 3.03 18.00 -44.32
CA GLY B 49 1.76 18.43 -44.88
C GLY B 49 0.78 17.36 -45.32
N GLU B 50 1.02 16.09 -44.97
CA GLU B 50 0.16 14.94 -45.33
C GLU B 50 -1.08 14.87 -44.37
N HIS B 51 -2.24 14.56 -44.92
CA HIS B 51 -3.51 14.57 -44.21
C HIS B 51 -4.13 13.19 -44.43
N LEU B 52 -4.86 12.66 -43.46
CA LEU B 52 -5.63 11.47 -43.64
C LEU B 52 -7.07 11.82 -43.41
N GLU B 53 -7.62 12.61 -44.35
CA GLU B 53 -8.87 13.32 -44.12
C GLU B 53 -10.03 12.42 -43.99
N ASP B 54 -9.87 11.17 -44.44
CA ASP B 54 -10.83 10.11 -44.22
C ASP B 54 -10.79 9.45 -42.82
N THR B 55 -9.74 9.72 -42.02
CA THR B 55 -9.69 9.16 -40.65
C THR B 55 -10.23 10.22 -39.72
N ILE B 56 -11.41 9.94 -39.22
CA ILE B 56 -12.13 10.79 -38.30
C ILE B 56 -11.91 10.20 -36.93
N LEU B 57 -11.41 11.03 -36.01
CA LEU B 57 -11.01 10.59 -34.66
C LEU B 57 -11.64 11.48 -33.65
N ASN B 58 -11.94 10.97 -32.46
CA ASN B 58 -12.40 11.86 -31.36
C ASN B 58 -11.22 11.89 -30.37
N ILE B 59 -10.72 13.07 -30.08
CA ILE B 59 -9.61 13.23 -29.12
C ILE B 59 -9.92 14.26 -28.05
N THR B 60 -9.35 14.13 -26.84
CA THR B 60 -9.52 15.17 -25.84
C THR B 60 -8.17 15.61 -25.29
N GLY B 61 -8.14 16.73 -24.56
CA GLY B 61 -6.87 17.19 -23.92
C GLY B 61 -7.08 18.56 -23.37
N ARG B 62 -6.04 19.13 -22.81
CA ARG B 62 -6.09 20.40 -22.22
C ARG B 62 -5.30 21.32 -23.19
N ILE B 63 -5.94 22.43 -23.54
CA ILE B 63 -5.28 23.44 -24.32
C ILE B 63 -4.28 24.16 -23.46
N MET B 64 -3.02 24.16 -23.87
CA MET B 64 -2.00 24.88 -23.11
C MET B 64 -1.36 26.04 -23.87
N ARG B 65 -1.70 26.21 -25.11
CA ARG B 65 -1.26 27.43 -25.80
C ARG B 65 -2.30 27.88 -26.78
N VAL B 66 -2.54 29.20 -26.88
CA VAL B 66 -3.53 29.68 -27.86
C VAL B 66 -2.71 30.61 -28.73
N SER B 67 -2.52 30.23 -29.98
CA SER B 67 -1.66 31.01 -30.89
C SER B 67 -2.68 31.69 -31.77
N ALA B 68 -2.83 31.26 -33.03
CA ALA B 68 -3.97 31.60 -33.91
C ALA B 68 -3.91 33.01 -34.52
N GLN B 71 -7.34 34.29 -37.93
CA GLN B 71 -8.56 33.98 -38.71
C GLN B 71 -8.35 33.14 -39.98
N LYS B 72 -9.46 32.50 -40.42
CA LYS B 72 -9.44 31.25 -41.16
C LYS B 72 -8.64 30.07 -40.54
N LEU B 73 -7.54 30.39 -39.83
CA LEU B 73 -6.57 29.44 -39.26
C LEU B 73 -6.35 29.73 -37.75
N ARG B 74 -6.66 28.72 -36.93
CA ARG B 74 -6.42 28.81 -35.48
C ARG B 74 -5.46 27.67 -35.06
N PHE B 75 -4.51 28.03 -34.22
CA PHE B 75 -3.46 27.16 -33.71
C PHE B 75 -3.55 27.05 -32.19
N PHE B 76 -3.54 25.79 -31.69
CA PHE B 76 -3.35 25.54 -30.21
C PHE B 76 -2.38 24.42 -29.91
N ASP B 77 -1.84 24.44 -28.70
CA ASP B 77 -1.22 23.22 -28.09
C ASP B 77 -2.21 22.46 -27.21
N LEU B 78 -2.32 21.14 -27.47
CA LEU B 78 -3.18 20.21 -26.74
C LEU B 78 -2.29 19.15 -25.98
N VAL B 79 -2.52 19.03 -24.67
CA VAL B 79 -1.71 18.10 -23.83
C VAL B 79 -2.61 17.03 -23.22
N GLY B 80 -2.08 15.82 -23.20
CA GLY B 80 -2.69 14.70 -22.52
C GLY B 80 -1.62 13.67 -22.16
N ASP B 81 -1.71 13.12 -20.93
CA ASP B 81 -0.88 12.05 -20.45
C ASP B 81 0.62 12.44 -20.57
N GLY B 82 0.90 13.72 -20.37
CA GLY B 82 2.26 14.24 -20.42
C GLY B 82 2.87 14.45 -21.79
N GLU B 83 2.07 14.30 -22.83
CA GLU B 83 2.51 14.48 -24.23
C GLU B 83 1.68 15.55 -24.91
N LYS B 84 2.08 15.95 -26.10
CA LYS B 84 1.57 17.22 -26.66
C LYS B 84 1.43 17.08 -28.14
N ILE B 85 0.33 17.59 -28.65
CA ILE B 85 0.16 17.73 -30.13
C ILE B 85 -0.38 19.12 -30.49
N GLN B 86 -0.25 19.53 -31.77
CA GLN B 86 -0.87 20.78 -32.24
C GLN B 86 -2.26 20.56 -32.67
N VAL B 87 -3.11 21.58 -32.44
CA VAL B 87 -4.47 21.66 -32.98
C VAL B 87 -4.36 22.75 -34.12
N LEU B 88 -4.75 22.35 -35.31
CA LEU B 88 -4.80 23.32 -36.51
C LEU B 88 -6.23 23.44 -36.99
N ALA B 89 -6.99 24.47 -36.56
CA ALA B 89 -8.43 24.51 -36.85
C ALA B 89 -8.47 25.43 -38.12
N ASN B 90 -8.94 24.85 -39.22
CA ASN B 90 -9.03 25.57 -40.57
C ASN B 90 -10.51 25.79 -40.88
N TYR B 91 -10.90 27.06 -41.12
CA TYR B 91 -12.28 27.34 -41.61
C TYR B 91 -12.74 26.29 -42.66
N SER B 92 -11.82 25.92 -43.54
CA SER B 92 -12.10 24.99 -44.63
C SER B 92 -12.74 23.67 -44.21
N PHE B 93 -12.30 23.16 -43.05
CA PHE B 93 -12.79 21.85 -42.54
C PHE B 93 -13.86 21.93 -41.51
N HIS B 94 -14.30 23.13 -41.10
CA HIS B 94 -15.26 23.26 -40.04
C HIS B 94 -16.66 22.81 -40.44
N ASN B 95 -17.32 22.04 -39.58
CA ASN B 95 -18.74 21.76 -39.80
C ASN B 95 -19.58 22.96 -39.41
N HIS B 96 -20.02 23.67 -40.44
CA HIS B 96 -20.66 24.96 -40.30
C HIS B 96 -22.05 24.77 -39.80
N GLU B 97 -22.65 23.59 -40.04
CA GLU B 97 -23.97 23.22 -39.43
C GLU B 97 -24.00 23.31 -37.90
N LYS B 98 -22.89 23.00 -37.24
CA LYS B 98 -22.84 22.86 -35.78
C LYS B 98 -22.60 24.21 -35.08
N GLY B 99 -21.97 25.16 -35.79
CA GLY B 99 -21.79 26.49 -35.26
C GLY B 99 -20.85 27.35 -36.09
N ASN B 100 -20.80 28.63 -35.74
CA ASN B 100 -19.94 29.63 -36.37
C ASN B 100 -18.50 29.38 -35.97
N PHE B 101 -17.63 29.33 -36.95
CA PHE B 101 -16.24 29.07 -36.71
C PHE B 101 -15.59 30.06 -35.70
N ALA B 102 -15.64 31.35 -35.96
CA ALA B 102 -15.00 32.33 -35.02
C ALA B 102 -15.65 32.36 -33.61
N GLU B 103 -16.98 32.33 -33.51
CA GLU B 103 -17.67 32.23 -32.21
C GLU B 103 -17.12 30.99 -31.40
N CYS B 104 -17.02 29.82 -32.06
CA CYS B 104 -16.51 28.59 -31.43
CA CYS B 104 -16.45 28.58 -31.44
C CYS B 104 -15.05 28.80 -30.94
N TYR B 105 -14.14 29.20 -31.84
CA TYR B 105 -12.68 29.34 -31.43
C TYR B 105 -12.28 30.56 -30.65
N ASP B 106 -13.07 31.63 -30.73
CA ASP B 106 -12.84 32.83 -29.90
C ASP B 106 -13.04 32.57 -28.40
N LYS B 107 -13.91 31.60 -28.04
CA LYS B 107 -14.28 31.33 -26.65
C LYS B 107 -13.13 30.58 -25.87
N ILE B 108 -12.31 29.84 -26.60
CA ILE B 108 -11.23 28.98 -26.01
C ILE B 108 -10.10 29.72 -25.34
N ARG B 109 -9.72 29.30 -24.11
CA ARG B 109 -8.70 29.92 -23.33
C ARG B 109 -7.73 28.85 -22.86
N ARG B 110 -6.53 29.29 -22.54
CA ARG B 110 -5.45 28.38 -22.07
C ARG B 110 -5.95 27.73 -20.82
N GLY B 111 -5.82 26.39 -20.79
CA GLY B 111 -6.28 25.55 -19.66
C GLY B 111 -7.63 24.89 -19.91
N ASP B 112 -8.41 25.40 -20.89
CA ASP B 112 -9.68 24.73 -21.18
C ASP B 112 -9.48 23.25 -21.59
N ILE B 113 -10.32 22.35 -21.08
CA ILE B 113 -10.31 21.01 -21.57
C ILE B 113 -11.35 20.90 -22.70
N VAL B 114 -10.97 20.29 -23.81
CA VAL B 114 -11.80 20.23 -24.99
C VAL B 114 -11.87 18.84 -25.60
N GLY B 115 -12.94 18.61 -26.36
CA GLY B 115 -13.17 17.36 -27.09
C GLY B 115 -13.21 17.78 -28.57
N ILE B 116 -12.39 17.13 -29.39
CA ILE B 116 -12.27 17.45 -30.84
C ILE B 116 -12.67 16.26 -31.68
N VAL B 117 -13.46 16.56 -32.73
CA VAL B 117 -13.82 15.57 -33.74
C VAL B 117 -13.06 16.05 -34.97
N GLY B 118 -12.20 15.23 -35.50
CA GLY B 118 -11.24 15.74 -36.53
C GLY B 118 -10.42 14.65 -37.16
N PHE B 119 -9.36 15.03 -37.85
CA PHE B 119 -8.56 14.10 -38.63
C PHE B 119 -7.06 14.41 -38.43
N PRO B 120 -6.21 13.35 -38.54
CA PRO B 120 -4.79 13.47 -38.29
C PRO B 120 -4.08 13.98 -39.50
N GLY B 121 -3.07 14.76 -39.27
CA GLY B 121 -2.17 15.13 -40.35
C GLY B 121 -1.00 15.88 -39.78
N LYS B 122 0.02 16.14 -40.58
CA LYS B 122 1.07 17.09 -40.22
C LYS B 122 0.83 18.38 -40.97
N SER B 123 1.36 19.49 -40.42
CA SER B 123 1.36 20.77 -41.11
C SER B 123 2.42 20.75 -42.20
N LYS B 124 2.38 21.78 -43.07
CA LYS B 124 3.42 21.96 -44.10
C LYS B 124 4.75 22.04 -43.38
N LYS B 125 4.82 22.94 -42.40
CA LYS B 125 6.04 23.19 -41.63
C LYS B 125 6.57 21.93 -40.87
N GLY B 126 5.76 20.87 -40.76
CA GLY B 126 6.16 19.56 -40.15
C GLY B 126 5.52 19.16 -38.80
N GLU B 127 4.47 19.83 -38.35
CA GLU B 127 4.00 19.71 -36.97
C GLU B 127 2.79 18.78 -36.92
N LEU B 128 2.94 17.63 -36.22
CA LEU B 128 1.86 16.67 -36.13
C LEU B 128 0.66 17.37 -35.44
N SER B 129 -0.51 17.27 -36.07
CA SER B 129 -1.68 17.98 -35.63
C SER B 129 -2.93 17.19 -35.67
N ILE B 130 -3.88 17.57 -34.80
CA ILE B 130 -5.23 17.21 -35.04
C ILE B 130 -5.86 18.41 -35.80
N PHE B 131 -6.66 18.10 -36.81
CA PHE B 131 -7.49 19.09 -37.61
C PHE B 131 -8.94 18.94 -37.29
N PRO B 132 -9.47 19.81 -36.44
CA PRO B 132 -10.87 19.72 -36.07
C PRO B 132 -11.85 20.00 -37.22
N LYS B 133 -12.93 19.24 -37.21
CA LYS B 133 -14.23 19.60 -37.81
C LYS B 133 -15.19 20.21 -36.79
N GLU B 134 -15.02 19.86 -35.50
CA GLU B 134 -15.84 20.37 -34.43
C GLU B 134 -15.05 20.31 -33.10
N THR B 135 -15.15 21.34 -32.28
CA THR B 135 -14.52 21.46 -30.96
C THR B 135 -15.55 21.97 -29.90
N ILE B 136 -15.66 21.18 -28.81
CA ILE B 136 -16.61 21.29 -27.70
C ILE B 136 -15.78 21.57 -26.44
N LEU B 137 -16.16 22.57 -25.66
CA LEU B 137 -15.65 22.72 -24.33
C LEU B 137 -16.19 21.61 -23.47
N LEU B 138 -15.28 20.93 -22.73
CA LEU B 138 -15.67 19.85 -21.82
C LEU B 138 -15.57 20.35 -20.40
N SER B 139 -14.59 21.18 -20.10
CA SER B 139 -14.47 21.78 -18.74
C SER B 139 -13.51 23.00 -18.83
N ALA B 140 -13.97 24.15 -18.38
CA ALA B 140 -13.22 25.37 -18.51
C ALA B 140 -12.24 25.54 -17.36
N CYS B 141 -11.09 26.18 -17.65
CA CYS B 141 -10.16 26.70 -16.65
C CYS B 141 -10.62 28.16 -16.37
N LEU B 142 -11.09 28.40 -15.18
CA LEU B 142 -11.64 29.75 -14.85
C LEU B 142 -10.50 30.71 -14.42
N HIS B 143 -9.34 30.16 -14.02
CA HIS B 143 -8.20 30.93 -13.55
C HIS B 143 -7.17 31.09 -14.60
N MET B 144 -6.34 32.12 -14.45
CA MET B 144 -5.22 32.27 -15.30
C MET B 144 -4.20 31.28 -14.82
N LEU B 145 -3.73 30.46 -15.71
CA LEU B 145 -2.65 29.53 -15.37
C LEU B 145 -1.31 30.24 -15.45
N PRO B 146 -0.45 30.05 -14.44
CA PRO B 146 0.95 30.55 -14.49
C PRO B 146 1.60 30.01 -15.74
N MET B 147 2.58 30.70 -16.28
CA MET B 147 3.17 30.27 -17.54
C MET B 147 4.39 29.33 -17.41
N LYS B 148 4.78 28.83 -18.61
CA LYS B 148 5.96 27.98 -18.94
C LYS B 148 6.92 27.62 -17.83
N TYR B 149 7.71 28.61 -17.40
CA TYR B 149 8.47 28.52 -16.19
C TYR B 149 7.57 29.13 -15.15
N GLY B 150 8.00 30.26 -14.59
CA GLY B 150 7.20 31.03 -13.65
C GLY B 150 6.31 30.32 -12.65
N LEU B 151 6.53 29.02 -12.37
CA LEU B 151 5.91 28.31 -11.19
C LEU B 151 7.01 27.60 -10.41
N LYS B 152 7.92 28.42 -9.87
CA LYS B 152 9.03 27.97 -9.06
C LYS B 152 8.60 28.00 -7.61
N ASP B 153 7.38 28.48 -7.30
CA ASP B 153 7.07 28.80 -5.93
C ASP B 153 6.66 27.55 -5.20
N THR B 154 7.45 27.17 -4.21
CA THR B 154 7.27 25.87 -3.60
C THR B 154 5.93 25.83 -2.89
N GLU B 155 5.50 26.96 -2.29
CA GLU B 155 4.25 26.96 -1.60
C GLU B 155 3.21 26.43 -2.57
N ILE B 156 3.17 26.97 -3.79
CA ILE B 156 2.11 26.64 -4.76
C ILE B 156 2.30 25.22 -5.24
N ARG B 157 3.51 24.84 -5.62
CA ARG B 157 3.72 23.48 -6.04
C ARG B 157 3.30 22.40 -5.02
N TYR B 158 3.47 22.67 -3.74
CA TYR B 158 3.15 21.75 -2.74
C TYR B 158 1.69 21.89 -2.34
N ARG B 159 1.12 23.09 -2.35
CA ARG B 159 -0.33 23.24 -1.99
C ARG B 159 -1.31 23.03 -3.19
N GLN B 160 -0.84 23.19 -4.38
CA GLN B 160 -1.67 23.01 -5.55
C GLN B 160 -0.83 22.15 -6.50
N ARG B 161 -0.63 20.90 -6.10
CA ARG B 161 0.26 19.99 -6.87
C ARG B 161 -0.22 19.78 -8.28
N TYR B 162 -1.56 19.86 -8.47
CA TYR B 162 -2.13 19.80 -9.78
C TYR B 162 -1.53 20.87 -10.73
N LEU B 163 -1.22 22.03 -10.21
CA LEU B 163 -0.59 23.07 -11.08
C LEU B 163 0.87 22.74 -11.40
N ASP B 164 1.58 22.18 -10.41
CA ASP B 164 2.93 21.69 -10.69
C ASP B 164 2.92 20.67 -11.83
N LEU B 165 1.96 19.70 -11.76
CA LEU B 165 1.91 18.66 -12.71
C LEU B 165 1.56 19.14 -14.13
N LEU B 166 0.70 20.16 -14.23
CA LEU B 166 0.31 20.73 -15.53
C LEU B 166 1.40 21.59 -16.18
N ILE B 167 2.10 22.35 -15.38
CA ILE B 167 3.05 23.41 -15.80
C ILE B 167 4.54 22.99 -15.83
N ASN B 168 5.01 22.15 -14.91
CA ASN B 168 6.46 21.71 -14.86
C ASN B 168 6.65 20.30 -15.32
N GLU B 169 7.21 20.07 -16.52
CA GLU B 169 7.34 18.68 -17.10
C GLU B 169 8.06 17.67 -16.18
N SER B 170 9.01 18.20 -15.44
CA SER B 170 9.82 17.36 -14.55
C SER B 170 8.96 16.82 -13.41
N SER B 171 7.87 17.51 -13.03
CA SER B 171 6.98 17.04 -11.96
C SER B 171 6.41 15.71 -12.24
N ARG B 172 5.76 15.56 -13.40
CA ARG B 172 5.21 14.30 -13.74
C ARG B 172 6.25 13.24 -13.77
N HIS B 173 7.42 13.55 -14.33
CA HIS B 173 8.54 12.57 -14.32
C HIS B 173 8.96 12.08 -12.93
N THR B 174 9.04 12.98 -11.96
CA THR B 174 9.44 12.64 -10.58
C THR B 174 8.48 11.60 -10.06
N PHE B 175 7.19 11.88 -10.20
CA PHE B 175 6.16 11.01 -9.63
C PHE B 175 5.95 9.72 -10.42
N VAL B 176 6.15 9.72 -11.74
CA VAL B 176 6.18 8.48 -12.52
C VAL B 176 7.34 7.60 -12.00
N THR B 177 8.51 8.19 -11.84
CA THR B 177 9.64 7.47 -11.27
C THR B 177 9.41 6.83 -9.90
N ARG B 178 8.79 7.61 -9.04
CA ARG B 178 8.40 7.06 -7.72
C ARG B 178 7.53 5.78 -7.84
N THR B 179 6.47 5.82 -8.67
CA THR B 179 5.63 4.66 -8.88
C THR B 179 6.41 3.53 -9.51
N LYS B 180 7.35 3.83 -10.44
CA LYS B 180 8.17 2.74 -10.99
C LYS B 180 9.08 2.07 -9.99
N ILE B 181 9.65 2.89 -9.06
CA ILE B 181 10.49 2.37 -7.95
C ILE B 181 9.70 1.39 -7.14
N ILE B 182 8.56 1.81 -6.67
CA ILE B 182 7.67 0.91 -5.88
C ILE B 182 7.22 -0.35 -6.58
N ASN B 183 6.87 -0.22 -7.85
CA ASN B 183 6.52 -1.36 -8.66
C ASN B 183 7.69 -2.35 -8.86
N PHE B 184 8.89 -1.78 -9.03
CA PHE B 184 10.13 -2.57 -9.21
C PHE B 184 10.37 -3.36 -7.93
N LEU B 185 10.25 -2.71 -6.79
CA LEU B 185 10.44 -3.29 -5.51
C LEU B 185 9.48 -4.42 -5.17
N ARG B 186 8.18 -4.16 -5.37
CA ARG B 186 7.14 -5.18 -5.16
C ARG B 186 7.45 -6.41 -6.03
N ASN B 187 7.78 -6.15 -7.28
CA ASN B 187 8.05 -7.28 -8.19
CA ASN B 187 8.07 -7.27 -8.22
C ASN B 187 9.35 -8.05 -7.75
N PHE B 188 10.40 -7.33 -7.39
CA PHE B 188 11.69 -7.88 -6.92
C PHE B 188 11.42 -8.85 -5.78
N LEU B 189 10.63 -8.37 -4.80
CA LEU B 189 10.28 -9.17 -3.66
C LEU B 189 9.44 -10.39 -4.05
N ASN B 190 8.42 -10.15 -4.85
CA ASN B 190 7.44 -11.20 -5.22
C ASN B 190 8.21 -12.31 -5.97
N GLU B 191 9.16 -11.93 -6.80
CA GLU B 191 9.85 -12.97 -7.58
C GLU B 191 10.75 -13.79 -6.74
N ARG B 192 11.11 -13.29 -5.55
CA ARG B 192 11.92 -13.99 -4.53
C ARG B 192 11.09 -14.77 -3.53
N GLY B 193 9.80 -14.83 -3.72
CA GLY B 193 8.93 -15.62 -2.89
C GLY B 193 8.36 -14.89 -1.67
N PHE B 194 8.46 -13.56 -1.60
CA PHE B 194 8.00 -12.85 -0.46
C PHE B 194 6.46 -12.66 -0.60
N PHE B 195 5.83 -12.58 0.53
CA PHE B 195 4.39 -12.46 0.68
C PHE B 195 4.02 -11.14 1.32
N GLU B 196 3.26 -10.39 0.55
CA GLU B 196 2.86 -9.02 0.92
C GLU B 196 1.66 -9.08 1.85
N VAL B 197 1.71 -8.31 2.95
CA VAL B 197 0.62 -8.22 3.93
C VAL B 197 0.31 -6.79 4.30
N GLU B 198 -0.82 -6.63 5.01
CA GLU B 198 -1.18 -5.33 5.63
C GLU B 198 -1.31 -5.54 7.07
N THR B 199 -0.56 -4.78 7.85
CA THR B 199 -0.68 -4.85 9.30
C THR B 199 -1.32 -3.48 9.75
N PRO B 200 -1.74 -3.37 11.01
CA PRO B 200 -2.52 -2.22 11.45
C PRO B 200 -1.74 -0.90 11.37
N MET B 201 -2.45 0.11 10.96
CA MET B 201 -1.97 1.49 11.00
CA MET B 201 -1.88 1.43 11.04
C MET B 201 -1.99 1.99 12.47
N MET B 202 -3.01 1.52 13.18
CA MET B 202 -3.32 1.92 14.64
C MET B 202 -3.05 0.77 15.56
N ASN B 203 -2.27 1.04 16.57
CA ASN B 203 -1.90 -0.05 17.49
C ASN B 203 -1.91 0.46 18.89
N LEU B 204 -1.59 -0.46 19.80
CA LEU B 204 -1.58 -0.07 21.24
C LEU B 204 -0.22 0.23 21.75
N ILE B 205 0.74 0.62 20.92
CA ILE B 205 2.11 0.85 21.38
C ILE B 205 2.37 2.32 21.34
N ALA B 206 2.69 2.94 22.48
CA ALA B 206 2.91 4.40 22.51
C ALA B 206 4.23 4.86 21.92
N GLY B 207 4.37 4.70 20.60
CA GLY B 207 5.63 5.07 19.94
C GLY B 207 6.84 4.25 20.42
N GLY B 208 8.02 4.91 20.39
CA GLY B 208 9.25 4.27 20.77
C GLY B 208 10.21 5.27 21.32
N ALA B 209 11.40 4.76 21.70
CA ALA B 209 12.50 5.58 22.24
C ALA B 209 12.78 6.86 21.48
N ASN B 210 13.07 6.76 20.19
CA ASN B 210 13.37 8.00 19.40
C ASN B 210 12.19 8.58 18.55
N ALA B 211 10.96 8.22 18.91
CA ALA B 211 9.80 8.49 18.05
C ALA B 211 8.50 8.64 18.82
N ARG B 212 8.13 9.88 19.07
CA ARG B 212 6.87 10.15 19.66
C ARG B 212 5.75 9.67 18.71
N PRO B 213 4.65 9.20 19.30
CA PRO B 213 3.57 8.73 18.44
C PRO B 213 2.57 9.86 18.08
N PHE B 214 1.90 9.62 16.96
CA PHE B 214 0.57 10.17 16.72
C PHE B 214 -0.43 9.38 17.56
N ILE B 215 -1.24 10.11 18.35
CA ILE B 215 -2.22 9.52 19.23
C ILE B 215 -3.60 9.85 18.68
N THR B 216 -4.51 8.89 18.71
CA THR B 216 -5.84 9.11 18.36
C THR B 216 -6.75 8.30 19.30
N HIS B 217 -8.05 8.28 19.01
CA HIS B 217 -9.01 7.66 19.94
C HIS B 217 -10.24 7.13 19.18
N HIS B 218 -10.58 5.88 19.41
CA HIS B 218 -11.78 5.31 18.88
C HIS B 218 -12.92 5.50 19.92
N ASN B 219 -13.95 6.21 19.50
CA ASN B 219 -15.03 6.67 20.45
C ASN B 219 -15.85 5.44 20.91
N ASP B 220 -16.25 4.51 20.05
CA ASP B 220 -17.10 3.42 20.54
C ASP B 220 -16.38 2.50 21.51
N LEU B 221 -15.14 2.14 21.22
CA LEU B 221 -14.30 1.38 22.11
C LEU B 221 -13.86 2.09 23.31
N ASP B 222 -13.93 3.40 23.27
CA ASP B 222 -13.28 4.28 24.28
C ASP B 222 -11.81 3.85 24.50
N LEU B 223 -11.02 3.88 23.42
CA LEU B 223 -9.71 3.31 23.36
C LEU B 223 -8.74 4.27 22.66
N ASP B 224 -7.70 4.68 23.38
CA ASP B 224 -6.64 5.42 22.75
C ASP B 224 -5.84 4.44 21.89
N LEU B 225 -5.47 4.97 20.71
CA LEU B 225 -4.71 4.20 19.74
C LEU B 225 -3.53 5.08 19.28
N TYR B 226 -2.50 4.40 18.74
CA TYR B 226 -1.31 5.07 18.28
C TYR B 226 -1.01 4.64 16.86
N LEU B 227 -0.66 5.59 16.03
CA LEU B 227 -0.17 5.28 14.68
C LEU B 227 1.14 4.56 14.77
N ARG B 228 1.31 3.56 13.90
CA ARG B 228 2.52 2.80 13.93
C ARG B 228 3.76 3.62 13.54
N ILE B 229 4.89 3.38 14.22
CA ILE B 229 6.14 3.99 13.90
C ILE B 229 6.96 3.14 12.95
N ALA B 230 6.52 1.89 12.78
CA ALA B 230 7.22 0.84 12.02
C ALA B 230 6.26 -0.33 11.88
N THR B 231 6.48 -1.19 10.86
CA THR B 231 5.79 -2.43 10.70
C THR B 231 6.48 -3.64 11.28
N GLU B 232 7.62 -3.47 11.91
CA GLU B 232 8.43 -4.53 12.42
C GLU B 232 7.77 -5.54 13.32
N LEU B 233 7.00 -5.09 14.31
CA LEU B 233 6.46 -6.06 15.23
C LEU B 233 5.47 -7.07 14.63
N PRO B 234 4.38 -6.62 14.01
CA PRO B 234 3.51 -7.58 13.39
C PRO B 234 4.16 -8.44 12.31
N LEU B 235 5.12 -7.89 11.57
CA LEU B 235 5.77 -8.72 10.58
C LEU B 235 6.54 -9.86 11.24
N LYS B 236 7.27 -9.61 12.32
CA LYS B 236 7.94 -10.69 13.04
C LYS B 236 6.98 -11.69 13.59
N MET B 237 5.80 -11.24 14.05
CA MET B 237 4.78 -12.20 14.51
C MET B 237 4.34 -13.08 13.35
N LEU B 238 4.31 -12.55 12.14
CA LEU B 238 3.92 -13.41 11.02
C LEU B 238 4.98 -14.42 10.63
N ILE B 239 6.26 -14.10 10.86
CA ILE B 239 7.36 -15.11 10.75
C ILE B 239 7.12 -16.28 11.73
N VAL B 240 6.85 -15.94 12.98
CA VAL B 240 6.48 -16.95 13.99
C VAL B 240 5.32 -17.81 13.43
N GLY B 241 4.35 -17.15 12.83
CA GLY B 241 3.16 -17.84 12.27
C GLY B 241 3.41 -18.63 11.02
N GLY B 242 4.64 -18.69 10.54
CA GLY B 242 5.03 -19.48 9.44
C GLY B 242 4.93 -18.83 8.05
N ILE B 243 4.78 -17.52 7.99
CA ILE B 243 4.93 -16.78 6.73
C ILE B 243 6.40 -16.39 6.66
N ASP B 244 7.19 -17.22 6.03
CA ASP B 244 8.64 -17.16 6.23
C ASP B 244 9.35 -16.08 5.48
N LYS B 245 8.71 -15.53 4.44
CA LYS B 245 9.23 -14.37 3.74
CA LYS B 245 9.25 -14.37 3.73
C LYS B 245 8.03 -13.44 3.64
N VAL B 246 8.11 -12.29 4.36
CA VAL B 246 6.90 -11.44 4.58
C VAL B 246 7.33 -9.96 4.47
N TYR B 247 6.46 -9.15 3.87
CA TYR B 247 6.82 -7.71 3.78
C TYR B 247 5.55 -6.87 3.72
N GLU B 248 5.73 -5.56 3.95
CA GLU B 248 4.69 -4.56 3.85
C GLU B 248 5.37 -3.30 3.24
N ILE B 249 4.60 -2.64 2.39
CA ILE B 249 5.06 -1.32 1.81
C ILE B 249 3.92 -0.38 2.21
N GLY B 250 4.22 0.65 2.99
CA GLY B 250 3.16 1.55 3.35
C GLY B 250 3.68 2.61 4.32
N LYS B 251 2.73 3.40 4.80
CA LYS B 251 3.12 4.56 5.62
C LYS B 251 3.45 4.19 7.03
N VAL B 252 4.44 4.89 7.61
CA VAL B 252 4.73 4.87 9.05
C VAL B 252 4.84 6.35 9.51
N PHE B 253 4.71 6.54 10.84
CA PHE B 253 4.38 7.86 11.35
C PHE B 253 5.26 8.10 12.60
N ARG B 254 5.98 9.21 12.55
CA ARG B 254 6.82 9.61 13.66
C ARG B 254 6.54 11.10 13.90
N ASN B 255 5.99 11.40 15.09
CA ASN B 255 5.41 12.69 15.39
C ASN B 255 6.54 13.65 15.85
N GLU B 256 7.42 13.96 14.94
CA GLU B 256 8.69 14.63 15.20
C GLU B 256 8.86 15.78 14.24
N GLY B 257 10.03 16.38 14.20
CA GLY B 257 10.14 17.61 13.41
C GLY B 257 10.34 17.32 11.94
N ILE B 258 10.09 18.29 11.08
CA ILE B 258 10.15 18.22 9.62
C ILE B 258 11.45 18.87 9.17
N ASP B 259 12.13 18.32 8.17
CA ASP B 259 13.22 18.96 7.55
C ASP B 259 13.35 18.37 6.11
N ASN B 260 14.48 18.61 5.45
CA ASN B 260 14.56 18.21 4.11
C ASN B 260 14.62 16.69 3.92
N THR B 261 15.01 15.95 4.96
CA THR B 261 14.95 14.48 4.87
C THR B 261 14.05 13.78 5.82
N HIS B 262 13.15 14.53 6.49
CA HIS B 262 12.25 13.99 7.47
C HIS B 262 10.86 14.57 7.23
N ASN B 263 9.88 13.66 7.03
CA ASN B 263 8.45 13.98 7.01
C ASN B 263 7.79 13.11 8.03
N PRO B 264 6.92 13.66 8.90
CA PRO B 264 6.33 12.82 9.99
C PRO B 264 5.56 11.60 9.45
N GLU B 265 5.00 11.71 8.26
CA GLU B 265 4.37 10.51 7.61
C GLU B 265 5.30 10.21 6.42
N PHE B 266 5.79 8.96 6.35
CA PHE B 266 6.67 8.59 5.26
C PHE B 266 6.48 7.14 4.90
N THR B 267 6.96 6.76 3.72
CA THR B 267 6.66 5.40 3.20
C THR B 267 7.86 4.46 3.46
N SER B 268 7.60 3.36 4.10
CA SER B 268 8.68 2.38 4.32
C SER B 268 8.33 1.07 3.60
N CYS B 269 9.34 0.25 3.27
CA CYS B 269 9.11 -1.17 2.95
C CYS B 269 9.95 -1.91 4.02
N GLU B 270 9.33 -2.85 4.76
CA GLU B 270 10.04 -3.66 5.72
C GLU B 270 9.71 -5.13 5.34
N PHE B 271 10.74 -5.94 5.37
CA PHE B 271 10.61 -7.38 5.15
C PHE B 271 11.36 -8.15 6.20
N TYR B 272 10.85 -9.37 6.43
CA TYR B 272 11.52 -10.37 7.27
C TYR B 272 11.66 -11.64 6.41
N TRP B 273 12.81 -12.26 6.65
CA TRP B 273 13.27 -13.40 5.76
C TRP B 273 13.83 -14.45 6.74
N ALA B 274 13.01 -15.52 6.95
CA ALA B 274 13.46 -16.57 7.86
C ALA B 274 14.60 -17.36 7.19
N TYR B 275 15.53 -17.70 8.03
CA TYR B 275 16.73 -18.45 7.66
C TYR B 275 17.76 -17.69 6.88
N ALA B 276 17.61 -16.38 6.74
CA ALA B 276 18.59 -15.50 6.16
C ALA B 276 19.48 -14.92 7.31
N ASP B 277 20.71 -14.62 6.90
CA ASP B 277 21.78 -13.99 7.70
C ASP B 277 22.08 -12.56 7.21
N TYR B 278 23.00 -11.97 7.95
CA TYR B 278 23.72 -10.79 7.62
C TYR B 278 24.15 -10.64 6.19
N ASN B 279 24.88 -11.61 5.67
CA ASN B 279 25.43 -11.62 4.40
C ASN B 279 24.34 -11.69 3.40
N ASP B 280 23.27 -12.44 3.72
CA ASP B 280 22.18 -12.47 2.73
C ASP B 280 21.52 -11.07 2.58
N LEU B 281 21.46 -10.33 3.66
CA LEU B 281 20.87 -8.99 3.64
C LEU B 281 21.72 -7.94 2.89
N ILE B 282 23.04 -8.09 3.04
CA ILE B 282 24.01 -7.27 2.25
CA ILE B 282 23.96 -7.23 2.31
C ILE B 282 23.81 -7.55 0.82
N LYS B 283 23.76 -8.82 0.46
CA LYS B 283 23.65 -9.17 -0.92
CA LYS B 283 23.65 -9.21 -0.95
C LYS B 283 22.30 -8.75 -1.56
N TRP B 284 21.21 -8.94 -0.82
CA TRP B 284 19.89 -8.46 -1.23
C TRP B 284 19.96 -6.95 -1.51
N SER B 285 20.61 -6.22 -0.62
CA SER B 285 20.76 -4.76 -0.76
C SER B 285 21.55 -4.35 -2.02
N GLU B 286 22.67 -5.00 -2.26
CA GLU B 286 23.47 -4.73 -3.49
C GLU B 286 22.75 -5.11 -4.77
N ASP B 287 22.07 -6.25 -4.77
CA ASP B 287 21.24 -6.72 -5.89
C ASP B 287 20.12 -5.76 -6.17
N PHE B 288 19.42 -5.35 -5.12
CA PHE B 288 18.24 -4.50 -5.33
C PHE B 288 18.60 -3.10 -5.87
N PHE B 289 19.56 -2.43 -5.22
CA PHE B 289 19.94 -1.10 -5.54
C PHE B 289 20.55 -1.08 -6.98
N SER B 290 21.42 -2.05 -7.25
CA SER B 290 22.03 -2.02 -8.58
C SER B 290 21.03 -2.28 -9.68
N GLN B 291 20.16 -3.30 -9.44
CA GLN B 291 19.18 -3.62 -10.42
C GLN B 291 18.10 -2.56 -10.59
N LEU B 292 17.75 -1.87 -9.49
CA LEU B 292 16.78 -0.79 -9.57
C LEU B 292 17.28 0.39 -10.42
N VAL B 293 18.50 0.78 -10.17
CA VAL B 293 19.10 1.86 -10.90
C VAL B 293 19.28 1.49 -12.35
N TYR B 294 19.69 0.25 -12.65
CA TYR B 294 19.81 -0.16 -14.06
C TYR B 294 18.46 -0.14 -14.74
N HIS B 295 17.47 -0.64 -13.99
CA HIS B 295 16.09 -0.68 -14.49
C HIS B 295 15.66 0.71 -14.93
N LEU B 296 15.92 1.72 -14.12
CA LEU B 296 15.44 3.08 -14.39
C LEU B 296 16.26 3.82 -15.46
N PHE B 297 17.57 3.62 -15.49
CA PHE B 297 18.48 4.45 -16.21
C PHE B 297 19.26 3.74 -17.30
N GLY B 298 19.40 2.43 -17.23
CA GLY B 298 20.22 1.67 -18.19
C GLY B 298 21.69 1.82 -17.92
N THR B 299 22.09 2.21 -16.74
CA THR B 299 23.46 2.34 -16.28
C THR B 299 23.38 2.28 -14.74
N TYR B 300 24.48 2.02 -14.06
CA TYR B 300 24.54 2.04 -12.61
C TYR B 300 24.92 3.43 -12.12
N LYS B 301 25.32 4.36 -13.02
CA LYS B 301 25.80 5.67 -12.63
C LYS B 301 24.78 6.78 -12.87
N ILE B 302 24.50 7.54 -11.82
CA ILE B 302 23.55 8.63 -11.90
C ILE B 302 24.21 9.92 -11.50
N SER B 303 23.60 11.03 -11.84
CA SER B 303 24.08 12.33 -11.47
C SER B 303 23.17 12.83 -10.33
N TYR B 304 23.67 13.49 -9.31
CA TYR B 304 22.79 14.03 -8.25
C TYR B 304 23.34 15.37 -7.83
N ASN B 305 22.48 16.35 -7.67
CA ASN B 305 22.86 17.69 -7.17
C ASN B 305 22.86 17.72 -5.71
N LYS B 306 23.94 17.23 -5.11
CA LYS B 306 24.03 17.07 -3.70
C LYS B 306 23.96 18.47 -3.06
N ASP B 307 24.47 19.48 -3.77
CA ASP B 307 24.46 20.86 -3.24
C ASP B 307 23.48 21.76 -3.94
N GLY B 308 22.41 21.20 -4.45
CA GLY B 308 21.35 21.98 -5.05
C GLY B 308 21.61 22.28 -6.51
N PRO B 309 20.60 22.75 -7.24
CA PRO B 309 20.65 22.93 -8.71
C PRO B 309 21.66 23.94 -9.16
N GLU B 310 22.02 24.84 -8.28
CA GLU B 310 22.93 25.97 -8.57
C GLU B 310 24.42 25.56 -8.52
N ASN B 311 24.68 24.35 -7.98
CA ASN B 311 26.04 23.81 -7.89
C ASN B 311 26.18 22.57 -8.73
N GLN B 312 27.42 22.21 -9.01
CA GLN B 312 27.68 21.09 -9.91
C GLN B 312 27.16 19.82 -9.24
N PRO B 313 26.74 18.87 -10.04
CA PRO B 313 26.28 17.58 -9.45
C PRO B 313 27.45 16.68 -9.21
N ILE B 314 27.21 15.56 -8.53
CA ILE B 314 28.19 14.52 -8.37
C ILE B 314 27.68 13.28 -9.01
N GLU B 315 28.57 12.37 -9.30
CA GLU B 315 28.17 11.11 -9.83
C GLU B 315 28.12 10.09 -8.67
N ILE B 316 27.02 9.35 -8.63
CA ILE B 316 26.88 8.25 -7.62
C ILE B 316 26.87 6.96 -8.43
N ASP B 317 27.80 6.09 -8.16
CA ASP B 317 27.95 4.83 -8.93
C ASP B 317 27.37 3.65 -8.04
N PHE B 318 26.33 3.03 -8.53
CA PHE B 318 25.64 1.95 -7.88
C PHE B 318 26.16 0.56 -8.35
N THR B 319 27.33 0.52 -9.02
CA THR B 319 27.98 -0.78 -9.36
C THR B 319 28.44 -1.53 -8.09
N PRO B 320 27.92 -2.77 -7.92
CA PRO B 320 28.22 -3.45 -6.71
C PRO B 320 29.56 -4.18 -6.83
N PRO B 321 30.18 -4.58 -5.73
CA PRO B 321 29.77 -4.45 -4.35
C PRO B 321 30.08 -3.10 -3.81
N TYR B 322 29.47 -2.77 -2.63
CA TYR B 322 29.65 -1.48 -2.00
C TYR B 322 30.57 -1.64 -0.79
N PRO B 323 31.22 -0.57 -0.37
CA PRO B 323 32.10 -0.62 0.82
C PRO B 323 31.32 -0.97 2.09
N LYS B 324 32.01 -1.58 3.05
CA LYS B 324 31.50 -1.94 4.38
C LYS B 324 32.46 -1.34 5.40
N VAL B 325 31.99 -0.43 6.21
CA VAL B 325 32.75 0.29 7.17
C VAL B 325 32.24 -0.10 8.57
N SER B 326 33.12 -0.64 9.42
CA SER B 326 32.72 -1.03 10.74
CA SER B 326 32.72 -1.02 10.76
C SER B 326 32.69 0.19 11.64
N ILE B 327 31.57 0.49 12.26
CA ILE B 327 31.31 1.75 12.95
C ILE B 327 32.37 2.04 14.06
N VAL B 328 32.57 1.13 15.01
CA VAL B 328 33.46 1.48 16.12
C VAL B 328 34.94 1.59 15.59
N GLU B 329 35.37 0.64 14.82
CA GLU B 329 36.72 0.67 14.23
C GLU B 329 36.98 1.99 13.52
N GLU B 330 36.01 2.46 12.75
CA GLU B 330 36.20 3.69 11.94
C GLU B 330 36.15 4.90 12.84
N ILE B 331 35.32 4.91 13.85
CA ILE B 331 35.30 6.07 14.75
C ILE B 331 36.70 6.16 15.40
N GLU B 332 37.20 5.05 15.92
CA GLU B 332 38.47 4.98 16.63
C GLU B 332 39.63 5.44 15.73
N LYS B 333 39.65 5.03 14.51
CA LYS B 333 40.65 5.49 13.52
C LYS B 333 40.62 6.98 13.22
N VAL B 334 39.44 7.53 12.98
CA VAL B 334 39.35 8.89 12.49
C VAL B 334 39.59 9.85 13.65
N THR B 335 39.30 9.40 14.86
CA THR B 335 39.26 10.21 16.01
C THR B 335 40.57 9.97 16.84
N ASN B 336 41.43 9.06 16.42
CA ASN B 336 42.62 8.61 17.23
C ASN B 336 42.38 8.26 18.68
N THR B 337 41.33 7.49 18.93
CA THR B 337 41.01 7.09 20.25
C THR B 337 40.72 5.59 20.23
N ILE B 338 40.68 5.06 21.43
CA ILE B 338 40.22 3.72 21.69
C ILE B 338 39.02 3.81 22.57
N LEU B 339 37.94 3.16 22.11
CA LEU B 339 36.73 3.20 22.92
C LEU B 339 36.56 1.85 23.54
N GLU B 340 37.00 1.70 24.76
CA GLU B 340 37.02 0.41 25.41
C GLU B 340 35.62 0.03 25.87
N GLN B 341 35.29 -1.24 25.72
CA GLN B 341 34.05 -1.73 26.24
C GLN B 341 34.09 -2.01 27.80
N PRO B 342 32.96 -1.88 28.49
CA PRO B 342 31.70 -1.47 27.83
C PRO B 342 31.61 -0.02 27.38
N PHE B 343 30.85 0.16 26.30
CA PHE B 343 30.74 1.47 25.74
C PHE B 343 29.99 2.36 26.69
N ASP B 344 29.25 1.80 27.65
CA ASP B 344 28.52 2.68 28.55
C ASP B 344 29.21 2.90 29.88
N SER B 345 30.41 2.41 30.04
CA SER B 345 31.26 2.83 31.19
C SER B 345 31.48 4.37 31.29
N ASN B 346 31.66 4.89 32.53
CA ASN B 346 31.83 6.35 32.70
C ASN B 346 33.06 6.82 31.91
N GLU B 347 34.10 5.99 31.85
CA GLU B 347 35.31 6.29 31.14
C GLU B 347 35.05 6.47 29.66
N THR B 348 34.42 5.47 29.03
CA THR B 348 34.17 5.56 27.58
C THR B 348 33.15 6.62 27.29
N ILE B 349 32.12 6.76 28.14
CA ILE B 349 31.24 7.85 27.99
C ILE B 349 32.02 9.15 28.04
N GLU B 350 32.91 9.29 29.02
CA GLU B 350 33.71 10.54 29.15
C GLU B 350 34.51 10.83 27.89
N LYS B 351 35.18 9.79 27.38
CA LYS B 351 35.97 9.91 26.16
C LYS B 351 35.10 10.41 24.97
N MET B 352 33.86 9.86 24.86
CA MET B 352 32.99 10.22 23.77
C MET B 352 32.46 11.66 23.86
N ILE B 353 32.05 12.02 25.07
CA ILE B 353 31.61 13.36 25.40
C ILE B 353 32.72 14.37 25.05
N ASN B 354 33.95 14.09 25.46
CA ASN B 354 35.11 14.97 25.14
C ASN B 354 35.46 15.05 23.69
N ILE B 355 35.30 13.94 22.94
CA ILE B 355 35.51 14.06 21.54
C ILE B 355 34.41 15.02 20.96
N ILE B 356 33.17 14.84 21.38
CA ILE B 356 32.06 15.69 20.84
C ILE B 356 32.34 17.18 21.15
N LYS B 357 32.68 17.45 22.42
CA LYS B 357 33.01 18.86 22.84
C LYS B 357 34.14 19.43 22.08
N GLU B 358 35.22 18.68 22.00
CA GLU B 358 36.41 19.19 21.37
C GLU B 358 36.18 19.49 19.89
N HIS B 359 35.31 18.74 19.24
CA HIS B 359 35.07 18.97 17.81
C HIS B 359 33.96 20.02 17.56
N LYS B 360 33.28 20.46 18.62
CA LYS B 360 32.30 21.53 18.59
C LYS B 360 31.10 20.99 17.81
N ILE B 361 30.73 19.75 18.15
CA ILE B 361 29.60 19.01 17.57
C ILE B 361 28.55 19.13 18.63
N GLU B 362 27.28 19.22 18.24
CA GLU B 362 26.23 19.34 19.24
C GLU B 362 26.22 18.07 20.04
N LEU B 363 26.10 18.26 21.36
CA LEU B 363 26.10 17.20 22.30
C LEU B 363 24.71 16.70 22.45
N PRO B 364 24.47 15.40 22.21
CA PRO B 364 23.09 14.93 22.32
C PRO B 364 22.65 14.95 23.78
N ASN B 365 21.37 15.20 24.01
CA ASN B 365 20.81 15.28 25.38
C ASN B 365 19.63 14.31 25.52
N PRO B 366 19.59 13.45 26.56
CA PRO B 366 20.76 13.18 27.39
C PRO B 366 21.91 12.52 26.55
N PRO B 367 23.16 12.62 27.06
CA PRO B 367 24.37 11.90 26.59
C PRO B 367 24.48 10.40 26.91
N THR B 368 23.64 9.56 26.34
CA THR B 368 23.73 8.10 26.57
C THR B 368 24.77 7.56 25.58
N ALA B 369 25.40 6.45 25.94
CA ALA B 369 26.35 5.78 25.06
C ALA B 369 25.83 5.62 23.62
N ALA B 370 24.59 5.14 23.45
CA ALA B 370 24.03 4.96 22.11
C ALA B 370 23.90 6.25 21.39
N LYS B 371 23.45 7.34 22.07
CA LYS B 371 23.33 8.63 21.41
C LYS B 371 24.65 9.32 21.07
N LEU B 372 25.63 9.11 21.92
CA LEU B 372 27.00 9.59 21.70
C LEU B 372 27.60 8.90 20.49
N LEU B 373 27.50 7.57 20.47
CA LEU B 373 27.96 6.80 19.31
C LEU B 373 27.30 7.20 18.06
N ASP B 374 25.99 7.46 18.13
CA ASP B 374 25.23 7.95 16.98
C ASP B 374 25.73 9.26 16.43
N GLN B 375 26.03 10.18 17.33
CA GLN B 375 26.57 11.47 16.99
C GLN B 375 27.95 11.42 16.39
N LEU B 376 28.79 10.58 16.98
CA LEU B 376 30.13 10.35 16.43
C LEU B 376 30.07 9.75 15.03
N ALA B 377 29.22 8.71 14.82
CA ALA B 377 29.12 8.15 13.48
C ALA B 377 28.65 9.24 12.47
N SER B 378 27.68 10.01 12.87
CA SER B 378 27.11 11.01 11.95
C SER B 378 28.12 12.06 11.53
N HIS B 379 28.87 12.52 12.50
CA HIS B 379 29.99 13.39 12.16
C HIS B 379 31.19 12.77 11.44
N PHE B 380 31.69 11.60 11.88
CA PHE B 380 32.96 11.11 11.37
C PHE B 380 32.90 10.09 10.23
N ILE B 381 31.74 9.44 10.01
CA ILE B 381 31.69 8.30 9.10
C ILE B 381 30.54 8.40 8.05
N GLU B 382 29.37 8.99 8.41
CA GLU B 382 28.21 8.94 7.49
C GLU B 382 28.45 9.70 6.20
N ASN B 383 29.44 10.61 6.16
CA ASN B 383 29.86 11.27 4.89
C ASN B 383 31.09 10.69 4.24
N LYS B 384 31.49 9.50 4.68
CA LYS B 384 32.79 8.94 4.25
C LYS B 384 32.85 8.86 2.74
N TYR B 385 31.80 8.34 2.10
CA TYR B 385 31.72 8.22 0.64
C TYR B 385 30.49 8.97 0.15
N ASN B 386 30.65 9.81 -0.87
CA ASN B 386 29.53 10.44 -1.60
C ASN B 386 29.39 9.99 -3.03
N ASP B 387 30.35 9.26 -3.53
CA ASP B 387 30.37 8.85 -4.92
C ASP B 387 29.84 7.43 -5.14
N LYS B 388 29.40 6.77 -4.06
CA LYS B 388 28.82 5.39 -4.16
C LYS B 388 28.07 5.17 -2.84
N PRO B 389 27.01 4.38 -2.91
CA PRO B 389 26.45 4.02 -1.63
C PRO B 389 27.44 3.15 -0.83
N PHE B 390 27.22 3.13 0.46
CA PHE B 390 28.13 2.30 1.35
C PHE B 390 27.35 1.86 2.57
N PHE B 391 27.83 0.76 3.16
CA PHE B 391 27.26 0.27 4.41
C PHE B 391 28.07 0.63 5.62
N ILE B 392 27.44 1.10 6.70
CA ILE B 392 28.04 1.06 8.00
C ILE B 392 27.57 -0.19 8.70
N VAL B 393 28.51 -1.01 9.26
CA VAL B 393 28.23 -2.34 9.78
C VAL B 393 28.70 -2.54 11.20
N GLU B 394 28.17 -3.66 11.76
CA GLU B 394 28.63 -4.17 13.05
C GLU B 394 28.44 -3.22 14.21
N HIS B 395 27.29 -2.57 14.28
CA HIS B 395 26.98 -1.68 15.35
C HIS B 395 27.05 -2.36 16.68
N PRO B 396 27.43 -1.62 17.72
CA PRO B 396 27.37 -2.11 19.04
C PRO B 396 25.98 -2.61 19.48
N GLN B 397 25.98 -3.67 20.29
CA GLN B 397 24.73 -4.13 20.98
C GLN B 397 23.98 -3.04 21.68
N ILE B 398 24.70 -2.09 22.25
CA ILE B 398 24.03 -1.02 23.00
CA ILE B 398 24.04 -1.05 23.00
C ILE B 398 23.24 -0.05 22.13
N MET B 399 23.51 0.04 20.81
CA MET B 399 22.78 0.88 19.86
C MET B 399 21.73 0.06 19.10
N SER B 400 21.68 -1.24 19.34
CA SER B 400 20.98 -2.19 18.41
C SER B 400 20.28 -3.27 19.20
N PRO B 401 19.30 -2.88 20.02
CA PRO B 401 18.75 -3.87 20.91
C PRO B 401 17.87 -5.03 20.29
N LEU B 402 17.57 -4.98 19.00
CA LEU B 402 16.87 -6.11 18.32
C LEU B 402 17.81 -6.89 17.43
N ALA B 403 19.10 -6.59 17.42
CA ALA B 403 20.07 -7.29 16.54
C ALA B 403 20.84 -8.38 17.23
N LYS B 404 20.95 -9.53 16.55
CA LYS B 404 21.71 -10.67 17.08
C LYS B 404 23.15 -10.31 17.25
N TYR B 405 23.74 -10.89 18.28
CA TYR B 405 25.15 -10.62 18.53
C TYR B 405 26.07 -11.09 17.43
N HIS B 406 27.13 -10.34 17.22
CA HIS B 406 28.18 -10.70 16.23
C HIS B 406 28.83 -12.01 16.71
N ARG B 407 29.17 -12.88 15.76
CA ARG B 407 29.81 -14.16 16.13
C ARG B 407 31.24 -14.11 16.53
N THR B 408 31.96 -13.11 16.10
CA THR B 408 33.40 -12.99 16.33
C THR B 408 33.87 -11.75 17.08
N LYS B 409 33.19 -10.60 16.98
CA LYS B 409 33.60 -9.38 17.61
C LYS B 409 32.77 -9.09 18.84
N PRO B 410 33.37 -9.17 20.06
CA PRO B 410 32.68 -8.78 21.31
C PRO B 410 31.98 -7.44 21.26
N GLY B 411 30.77 -7.47 21.73
CA GLY B 411 29.94 -6.29 21.95
C GLY B 411 29.21 -5.73 20.76
N LEU B 412 29.43 -6.35 19.59
CA LEU B 412 28.89 -5.84 18.32
C LEU B 412 27.69 -6.75 17.88
N THR B 413 27.12 -6.39 16.71
CA THR B 413 25.90 -7.09 16.21
C THR B 413 26.06 -7.35 14.73
N GLU B 414 25.20 -8.19 14.16
CA GLU B 414 25.08 -8.43 12.72
C GLU B 414 24.06 -7.44 12.15
N ARG B 415 24.51 -6.22 12.03
CA ARG B 415 23.72 -5.07 11.57
C ARG B 415 24.42 -4.37 10.40
N LEU B 416 23.64 -3.76 9.50
CA LEU B 416 24.14 -3.00 8.38
C LEU B 416 23.17 -1.84 8.18
N GLU B 417 23.69 -0.66 7.85
CA GLU B 417 22.86 0.48 7.44
C GLU B 417 23.45 0.99 6.16
N MET B 418 22.65 1.32 5.14
CA MET B 418 23.16 1.86 3.93
C MET B 418 22.90 3.29 3.81
N PHE B 419 23.92 4.02 3.27
CA PHE B 419 23.93 5.49 3.20
C PHE B 419 24.11 5.86 1.76
N ILE B 420 23.33 6.87 1.33
CA ILE B 420 23.51 7.50 -0.05
C ILE B 420 23.73 8.99 0.24
N CYS B 421 24.86 9.58 -0.22
CA CYS B 421 25.19 10.99 0.17
C CYS B 421 24.96 11.41 1.58
N GLY B 422 25.43 10.62 2.56
CA GLY B 422 25.36 10.94 3.93
C GLY B 422 24.01 10.73 4.56
N LYS B 423 23.07 10.15 3.81
CA LYS B 423 21.72 9.92 4.35
C LYS B 423 21.33 8.41 4.43
N GLU B 424 20.80 8.02 5.56
CA GLU B 424 20.45 6.61 5.76
C GLU B 424 19.24 6.28 4.89
N VAL B 425 19.29 5.19 4.07
CA VAL B 425 18.14 4.77 3.26
C VAL B 425 17.72 3.33 3.62
N LEU B 426 18.50 2.60 4.45
CA LEU B 426 18.18 1.16 4.73
C LEU B 426 18.83 0.83 6.05
N ASN B 427 18.16 0.02 6.85
CA ASN B 427 18.70 -0.48 8.06
C ASN B 427 18.27 -1.96 8.11
N ALA B 428 19.17 -2.85 8.46
CA ALA B 428 18.88 -4.31 8.40
C ALA B 428 19.75 -5.05 9.43
N TYR B 429 19.27 -6.18 9.88
CA TYR B 429 20.04 -6.96 10.81
C TYR B 429 19.40 -8.35 10.93
N THR B 430 20.23 -9.26 11.44
CA THR B 430 19.76 -10.55 11.88
C THR B 430 19.05 -10.30 13.20
N GLU B 431 17.90 -10.88 13.42
CA GLU B 431 17.07 -10.62 14.62
C GLU B 431 17.58 -11.40 15.85
N LEU B 432 17.63 -10.67 16.97
CA LEU B 432 18.01 -11.32 18.22
C LEU B 432 16.78 -12.16 18.60
N ASN B 433 16.87 -13.48 18.48
CA ASN B 433 15.72 -14.33 18.71
C ASN B 433 15.72 -15.20 19.96
N ASP B 434 16.80 -15.23 20.78
CA ASP B 434 16.77 -15.89 22.10
C ASP B 434 16.12 -14.96 23.10
N PRO B 435 14.91 -15.27 23.58
CA PRO B 435 14.20 -14.43 24.49
C PRO B 435 14.90 -14.20 25.82
N PHE B 436 15.83 -15.07 26.14
CA PHE B 436 16.62 -14.92 27.31
C PHE B 436 17.75 -13.89 27.20
N LYS B 437 18.03 -13.43 26.00
CA LYS B 437 19.05 -12.44 25.72
C LYS B 437 18.46 -11.11 25.32
N GLN B 438 17.16 -11.06 24.94
CA GLN B 438 16.47 -9.85 24.51
C GLN B 438 16.18 -9.08 25.74
N LYS B 439 16.84 -7.93 25.88
CA LYS B 439 16.65 -7.07 27.12
C LYS B 439 15.27 -6.62 27.44
N GLU B 440 14.45 -6.42 26.44
CA GLU B 440 13.04 -6.13 26.62
C GLU B 440 12.32 -7.25 27.38
N CYS B 441 12.77 -8.51 27.28
CA CYS B 441 12.03 -9.63 27.94
C CYS B 441 12.42 -9.78 29.42
N PHE B 442 12.42 -8.62 30.11
CA PHE B 442 12.86 -8.31 31.51
C PHE B 442 14.09 -9.04 31.97
N SER B 461 5.29 -8.36 27.25
CA SER B 461 5.06 -7.74 26.00
C SER B 461 4.60 -8.76 24.94
N ALA B 462 3.81 -8.28 24.01
CA ALA B 462 3.33 -9.11 22.84
C ALA B 462 4.57 -9.59 22.03
N PHE B 463 5.62 -8.77 21.92
CA PHE B 463 6.85 -9.27 21.23
C PHE B 463 7.47 -10.45 21.96
N CYS B 464 7.76 -10.24 23.24
CA CYS B 464 8.42 -11.24 24.05
CA CYS B 464 8.42 -11.24 24.05
C CYS B 464 7.62 -12.56 24.08
N THR B 465 6.30 -12.46 24.17
CA THR B 465 5.45 -13.67 24.06
C THR B 465 5.61 -14.39 22.71
N SER B 466 5.68 -13.61 21.65
CA SER B 466 5.86 -14.28 20.38
C SER B 466 7.20 -14.92 20.25
N LEU B 467 8.26 -14.37 20.81
CA LEU B 467 9.56 -15.01 20.81
C LEU B 467 9.60 -16.34 21.57
N GLU B 468 8.78 -16.45 22.60
CA GLU B 468 8.65 -17.67 23.38
C GLU B 468 8.08 -18.77 22.58
N TYR B 469 7.36 -18.46 21.50
CA TYR B 469 6.80 -19.54 20.67
C TYR B 469 7.78 -20.01 19.60
N GLY B 470 8.87 -19.29 19.42
CA GLY B 470 9.96 -19.72 18.51
C GLY B 470 9.97 -18.87 17.26
N LEU B 471 10.90 -17.90 17.22
CA LEU B 471 11.19 -17.16 16.00
C LEU B 471 12.40 -17.87 15.46
N PRO B 472 12.34 -18.38 14.22
CA PRO B 472 13.52 -18.89 13.62
C PRO B 472 14.63 -17.86 13.45
N PRO B 473 15.86 -18.31 13.22
CA PRO B 473 16.89 -17.35 12.79
C PRO B 473 16.29 -16.58 11.56
N THR B 474 16.40 -15.26 11.60
CA THR B 474 15.65 -14.41 10.65
C THR B 474 16.47 -13.12 10.39
N GLY B 475 16.38 -12.67 9.15
CA GLY B 475 16.93 -11.40 8.75
C GLY B 475 15.81 -10.39 8.53
N GLY B 476 15.95 -9.13 8.97
CA GLY B 476 14.89 -8.09 8.75
C GLY B 476 15.60 -6.88 8.15
N LEU B 477 14.85 -6.16 7.31
CA LEU B 477 15.38 -5.05 6.52
C LEU B 477 14.27 -4.00 6.35
N GLY B 478 14.66 -2.71 6.44
CA GLY B 478 13.77 -1.63 6.16
C GLY B 478 14.39 -0.67 5.18
N LEU B 479 13.59 -0.21 4.21
CA LEU B 479 13.97 0.82 3.28
C LEU B 479 13.12 2.06 3.44
N GLY B 480 13.78 3.21 3.29
CA GLY B 480 13.10 4.53 3.21
C GLY B 480 12.80 4.89 1.78
N ILE B 481 11.58 4.66 1.32
CA ILE B 481 11.18 4.82 -0.05
C ILE B 481 11.31 6.27 -0.52
N ASP B 482 10.86 7.21 0.31
CA ASP B 482 10.93 8.66 -0.07
C ASP B 482 12.36 9.10 -0.29
N ARG B 483 13.27 8.70 0.62
CA ARG B 483 14.69 9.16 0.50
C ARG B 483 15.30 8.49 -0.75
N ILE B 484 14.95 7.22 -1.05
CA ILE B 484 15.51 6.55 -2.20
C ILE B 484 14.99 7.29 -3.45
N THR B 485 13.72 7.69 -3.47
CA THR B 485 13.13 8.44 -4.57
C THR B 485 13.81 9.75 -4.76
N MET B 486 14.12 10.42 -3.66
CA MET B 486 14.83 11.73 -3.73
C MET B 486 16.10 11.53 -4.55
N PHE B 487 16.91 10.54 -4.21
CA PHE B 487 18.18 10.39 -4.94
C PHE B 487 18.03 10.02 -6.38
N LEU B 488 17.00 9.23 -6.74
CA LEU B 488 16.76 8.75 -8.07
C LEU B 488 15.97 9.70 -8.97
N THR B 489 15.50 10.85 -8.41
CA THR B 489 14.80 11.89 -9.13
C THR B 489 15.52 13.23 -9.00
N ASN B 490 16.70 13.21 -8.41
CA ASN B 490 17.48 14.44 -8.25
C ASN B 490 16.81 15.54 -7.48
N LYS B 491 16.26 15.17 -6.36
CA LYS B 491 15.67 16.13 -5.40
C LYS B 491 16.39 16.17 -4.06
N ASN B 492 16.40 17.38 -3.48
CA ASN B 492 17.08 17.69 -2.24
C ASN B 492 16.14 17.78 -1.09
N SER B 493 14.86 17.77 -1.37
CA SER B 493 13.89 17.85 -0.31
C SER B 493 12.85 16.71 -0.46
N ILE B 494 12.50 16.14 0.65
CA ILE B 494 11.53 15.01 0.67
C ILE B 494 10.12 15.47 0.23
N LYS B 495 9.84 16.78 0.36
CA LYS B 495 8.49 17.30 -0.03
C LYS B 495 8.43 17.27 -1.48
N ASP B 496 9.55 17.28 -2.17
CA ASP B 496 9.52 17.13 -3.65
C ASP B 496 9.15 15.76 -4.21
N VAL B 497 9.08 14.74 -3.38
CA VAL B 497 8.77 13.39 -3.85
C VAL B 497 7.50 12.82 -3.22
N ILE B 498 6.77 13.68 -2.54
CA ILE B 498 5.50 13.31 -1.91
C ILE B 498 4.44 14.20 -2.61
N LEU B 499 3.38 13.62 -3.13
CA LEU B 499 2.45 14.42 -3.90
C LEU B 499 1.83 15.58 -3.13
N PHE B 500 1.35 15.29 -1.96
CA PHE B 500 0.63 16.33 -1.14
C PHE B 500 1.20 16.33 0.26
N PRO B 501 2.34 16.91 0.46
CA PRO B 501 2.95 16.82 1.82
C PRO B 501 2.12 17.73 2.80
N THR B 502 2.00 17.31 4.07
CA THR B 502 1.22 18.08 5.09
C THR B 502 1.95 19.41 5.35
N MET B 503 1.24 20.51 5.07
CA MET B 503 1.89 21.88 5.04
C MET B 503 1.23 22.71 6.19
N ARG B 504 1.98 23.67 6.76
CA ARG B 504 1.35 24.73 7.62
C ARG B 504 0.23 25.43 6.84
N PRO B 505 -1.00 25.46 7.36
CA PRO B 505 -2.08 26.00 6.53
C PRO B 505 -1.89 27.49 6.12
N ALA B 506 -2.58 27.87 5.02
CA ALA B 506 -2.42 29.22 4.40
C ALA B 506 -2.96 30.37 5.25
#